data_1D5Y
#
_entry.id   1D5Y
#
_cell.length_a   75.384
_cell.length_b   208.012
_cell.length_c   67.731
_cell.angle_alpha   90.00
_cell.angle_beta   90.00
_cell.angle_gamma   90.00
#
_symmetry.space_group_name_H-M   'P 1 21 1'
#
loop_
_entity.id
_entity.type
_entity.pdbx_description
1 polymer "DNA (5'-D(*TP*GP*AP*CP*AP*GP*CP*AP*CP*TP*GP*AP*AP*TP*GP*TP*CP*AP*AP*AP*G)-3')"
2 polymer "DNA (5'-D(*AP*CP*TP*TP*TP*GP*AP*CP*AP*TP*TP*CP*AP*GP*TP*GP*CP*TP*GP*TP*C)-3')"
3 polymer 'ROB TRANSCRIPTION FACTOR'
#
loop_
_entity_poly.entity_id
_entity_poly.type
_entity_poly.pdbx_seq_one_letter_code
_entity_poly.pdbx_strand_id
1 'polydeoxyribonucleotide'
;(DT)(DG)(DA)(DC)(DA)(DG)(DC)(DA)(DC)(DT)(DG)(DA)(DA)(DT)(DG)(DT)(DC)(DA)(DA)(DA)
(DG)
;
M,O
2 'polydeoxyribonucleotide'
;(DA)(DC)(DT)(DT)(DT)(DG)(DA)(DC)(DA)(DT)(DT)(DC)(DA)(DG)(DT)(DG)(DC)(DT)(DG)(DT)
(DC)
;
N,P
3 'polypeptide(L)'
;QAGIIRDLLIWLEGHLDQPLSLDNVAAKAGYSKWHLQRMFKDVTGHAIGAYIRARRLSKSAVALRLTARPILDIALQYRF
DSQQTFTRAFKKQFAQTPALYRRSPEWSAFGIRPPLRLGEFTMPEHKFVTLEDTPLIGVTQSYSCSLEQISDFRHEMRYQ
FWHDFLGNAPTIPPVLYGLNETRPSQDKDDEQEVFYTTALAQDQADGYVLTGHPVMLQGGEYVMFTYEGLGTGVQEFILT
VYGTCMPMLNLTRRKGQDIERYYPAEDAKAGDRPINLRCELLIPIRRKLAAA
;
A,D,C,B
#
loop_
_chem_comp.id
_chem_comp.type
_chem_comp.name
_chem_comp.formula
DA DNA linking 2'-DEOXYADENOSINE-5'-MONOPHOSPHATE 'C10 H14 N5 O6 P'
DC DNA linking 2'-DEOXYCYTIDINE-5'-MONOPHOSPHATE 'C9 H14 N3 O7 P'
DG DNA linking 2'-DEOXYGUANOSINE-5'-MONOPHOSPHATE 'C10 H14 N5 O7 P'
DT DNA linking THYMIDINE-5'-MONOPHOSPHATE 'C10 H15 N2 O8 P'
#
# COMPACT_ATOMS: atom_id res chain seq x y z
N GLN E 1 4.85 20.71 -4.00
CA GLN E 1 5.06 22.09 -3.48
C GLN E 1 6.52 22.28 -3.04
N ALA E 2 6.86 23.49 -2.61
CA ALA E 2 8.23 23.80 -2.19
C ALA E 2 8.53 23.41 -0.74
N GLY E 3 7.49 23.10 0.03
CA GLY E 3 7.70 22.71 1.41
C GLY E 3 8.15 21.26 1.50
N ILE E 4 8.07 20.57 0.37
CA ILE E 4 8.46 19.18 0.29
C ILE E 4 9.95 19.12 -0.07
N ILE E 5 10.33 19.94 -1.04
CA ILE E 5 11.71 20.03 -1.49
C ILE E 5 12.53 20.80 -0.45
N ARG E 6 11.85 21.65 0.31
CA ARG E 6 12.48 22.42 1.37
C ARG E 6 13.09 21.46 2.38
N ASP E 7 12.29 20.47 2.79
CA ASP E 7 12.75 19.49 3.76
C ASP E 7 13.65 18.44 3.14
N LEU E 8 13.48 18.20 1.85
CA LEU E 8 14.29 17.21 1.15
C LEU E 8 15.74 17.70 1.11
N LEU E 9 15.92 18.95 0.73
CA LEU E 9 17.25 19.55 0.66
C LEU E 9 17.98 19.55 1.99
N ILE E 10 17.25 19.74 3.10
CA ILE E 10 17.88 19.74 4.41
C ILE E 10 18.42 18.35 4.71
N TRP E 11 17.78 17.35 4.10
CA TRP E 11 18.19 15.97 4.29
C TRP E 11 19.41 15.67 3.44
N LEU E 12 19.28 15.86 2.13
CA LEU E 12 20.38 15.60 1.23
C LEU E 12 21.66 16.21 1.77
N GLU E 13 21.71 17.53 1.84
CA GLU E 13 22.87 18.25 2.33
C GLU E 13 23.55 17.56 3.51
N GLY E 14 22.75 17.17 4.51
CA GLY E 14 23.32 16.53 5.66
C GLY E 14 23.59 15.05 5.48
N HIS E 15 23.39 14.54 4.28
CA HIS E 15 23.61 13.12 4.04
C HIS E 15 24.32 12.74 2.74
N LEU E 16 24.83 13.74 2.03
CA LEU E 16 25.55 13.49 0.79
C LEU E 16 26.66 12.56 1.20
N ASP E 17 27.07 12.78 2.44
CA ASP E 17 28.14 12.05 3.09
C ASP E 17 27.99 10.53 3.02
N GLN E 18 27.96 9.90 4.19
CA GLN E 18 27.86 8.46 4.27
C GLN E 18 26.72 7.83 3.47
N PRO E 19 25.47 7.90 3.97
CA PRO E 19 24.34 7.31 3.24
C PRO E 19 24.39 7.44 1.71
N LEU E 20 24.15 6.32 1.04
CA LEU E 20 24.14 6.28 -0.42
C LEU E 20 22.77 6.71 -0.94
N SER E 21 22.75 7.29 -2.13
CA SER E 21 21.48 7.76 -2.67
C SER E 21 21.47 8.12 -4.17
N LEU E 22 20.60 7.45 -4.91
CA LEU E 22 20.41 7.70 -6.33
C LEU E 22 18.92 7.99 -6.44
N ASP E 23 18.46 8.50 -7.59
CA ASP E 23 17.05 8.82 -7.75
C ASP E 23 16.14 7.86 -7.00
N ASN E 24 16.49 6.58 -7.02
CA ASN E 24 15.70 5.56 -6.34
C ASN E 24 15.77 5.74 -4.82
N VAL E 25 16.98 5.75 -4.28
CA VAL E 25 17.15 5.92 -2.85
C VAL E 25 16.59 7.27 -2.39
N ALA E 26 16.69 8.28 -3.25
CA ALA E 26 16.19 9.60 -2.88
C ALA E 26 14.66 9.56 -2.85
N ALA E 27 14.09 8.54 -3.46
CA ALA E 27 12.63 8.39 -3.49
C ALA E 27 12.13 8.15 -2.08
N LYS E 28 13.05 7.75 -1.19
CA LYS E 28 12.74 7.50 0.22
C LYS E 28 12.28 8.80 0.86
N ALA E 29 11.70 9.65 0.03
CA ALA E 29 11.15 10.94 0.43
C ALA E 29 9.63 10.79 0.42
N GLY E 30 9.16 9.64 -0.05
CA GLY E 30 7.74 9.36 -0.10
C GLY E 30 7.05 9.28 -1.45
N TYR E 31 7.67 9.84 -2.48
CA TYR E 31 7.06 9.85 -3.82
C TYR E 31 7.71 8.93 -4.84
N SER E 32 7.11 8.86 -6.03
CA SER E 32 7.62 8.02 -7.09
C SER E 32 8.82 8.69 -7.76
N LYS E 33 9.79 7.86 -8.11
CA LYS E 33 11.02 8.31 -8.75
C LYS E 33 10.87 9.40 -9.81
N TRP E 34 9.77 9.38 -10.55
CA TRP E 34 9.55 10.37 -11.61
C TRP E 34 8.87 11.66 -11.20
N HIS E 35 7.76 11.54 -10.48
CA HIS E 35 7.05 12.72 -10.04
C HIS E 35 8.03 13.61 -9.26
N LEU E 36 8.88 12.96 -8.46
CA LEU E 36 9.88 13.67 -7.68
C LEU E 36 10.78 14.55 -8.55
N GLN E 37 11.39 13.93 -9.57
CA GLN E 37 12.29 14.66 -10.48
C GLN E 37 11.64 15.92 -11.06
N ARG E 38 10.42 15.77 -11.58
CA ARG E 38 9.72 16.92 -12.16
C ARG E 38 9.39 17.96 -11.09
N MET E 39 9.11 17.49 -9.88
CA MET E 39 8.79 18.37 -8.76
C MET E 39 10.03 19.15 -8.36
N PHE E 40 11.13 18.42 -8.22
CA PHE E 40 12.40 19.01 -7.83
C PHE E 40 12.85 20.01 -8.88
N LYS E 41 12.57 19.69 -10.14
CA LYS E 41 12.94 20.55 -11.26
C LYS E 41 12.06 21.81 -11.35
N ASP E 42 10.85 21.71 -10.82
CA ASP E 42 9.93 22.85 -10.84
C ASP E 42 10.38 23.84 -9.77
N VAL E 43 10.39 23.36 -8.52
CA VAL E 43 10.78 24.16 -7.37
C VAL E 43 12.18 24.79 -7.42
N THR E 44 13.20 24.02 -7.80
CA THR E 44 14.56 24.54 -7.84
C THR E 44 15.12 24.98 -9.19
N GLY E 45 14.54 24.49 -10.28
CA GLY E 45 15.05 24.83 -11.58
C GLY E 45 16.29 24.00 -11.86
N HIS E 46 16.47 22.94 -11.06
CA HIS E 46 17.61 22.04 -11.20
C HIS E 46 17.20 20.58 -11.19
N ALA E 47 17.91 19.77 -11.97
CA ALA E 47 17.66 18.34 -12.05
C ALA E 47 18.29 17.69 -10.82
N ILE E 48 17.49 17.01 -10.00
CA ILE E 48 18.03 16.41 -8.78
C ILE E 48 19.31 15.60 -8.91
N GLY E 49 19.38 14.73 -9.93
CA GLY E 49 20.55 13.91 -10.09
C GLY E 49 21.85 14.64 -10.30
N ALA E 50 21.83 15.66 -11.14
CA ALA E 50 23.04 16.43 -11.44
C ALA E 50 23.44 17.39 -10.31
N TYR E 51 22.53 17.64 -9.37
CA TYR E 51 22.80 18.51 -8.24
C TYR E 51 23.55 17.71 -7.18
N ILE E 52 22.98 16.57 -6.79
CA ILE E 52 23.59 15.72 -5.78
C ILE E 52 25.03 15.44 -6.19
N ARG E 53 25.23 15.11 -7.45
CA ARG E 53 26.58 14.84 -7.96
C ARG E 53 27.46 16.07 -7.83
N ALA E 54 26.85 17.25 -7.91
CA ALA E 54 27.61 18.49 -7.85
C ALA E 54 27.84 18.96 -6.41
N ARG E 55 26.99 18.55 -5.49
CA ARG E 55 27.19 18.92 -4.10
C ARG E 55 28.33 18.05 -3.57
N ARG E 56 28.30 16.78 -3.95
CA ARG E 56 29.34 15.83 -3.55
C ARG E 56 30.71 16.24 -4.07
N LEU E 57 30.80 16.58 -5.35
CA LEU E 57 32.05 17.02 -5.93
C LEU E 57 32.49 18.39 -5.40
N SER E 58 31.57 19.09 -4.74
CA SER E 58 31.87 20.40 -4.18
C SER E 58 32.51 20.20 -2.82
N LYS E 59 31.92 19.32 -2.01
CA LYS E 59 32.43 18.96 -0.69
C LYS E 59 33.85 18.48 -0.92
N SER E 60 34.03 17.77 -2.03
CA SER E 60 35.30 17.20 -2.44
C SER E 60 36.35 18.22 -2.77
N ALA E 61 35.95 19.36 -3.29
CA ALA E 61 36.92 20.41 -3.61
C ALA E 61 37.37 21.01 -2.28
N VAL E 62 36.44 21.18 -1.37
CA VAL E 62 36.75 21.72 -0.07
C VAL E 62 37.62 20.76 0.73
N ALA E 63 37.26 19.48 0.74
CA ALA E 63 38.05 18.50 1.46
C ALA E 63 39.48 18.39 0.92
N LEU E 64 39.66 18.67 -0.36
CA LEU E 64 40.99 18.58 -0.95
C LEU E 64 41.89 19.77 -0.57
N ARG E 65 41.28 20.91 -0.26
CA ARG E 65 42.07 22.09 0.08
C ARG E 65 42.29 22.19 1.58
N LEU E 66 41.25 21.87 2.34
CA LEU E 66 41.26 21.94 3.81
C LEU E 66 41.78 20.72 4.59
N THR E 67 41.77 19.52 4.02
CA THR E 67 42.27 18.36 4.77
C THR E 67 43.48 17.70 4.11
N ALA E 68 44.17 16.85 4.87
CA ALA E 68 45.35 16.18 4.38
C ALA E 68 45.04 14.78 3.89
N ARG E 69 43.77 14.39 3.96
CA ARG E 69 43.36 13.05 3.56
C ARG E 69 43.73 12.73 2.11
N PRO E 70 44.07 11.46 1.84
CA PRO E 70 44.44 11.02 0.50
C PRO E 70 43.21 11.04 -0.41
N ILE E 71 43.44 11.39 -1.68
CA ILE E 71 42.36 11.48 -2.63
C ILE E 71 41.35 10.32 -2.62
N LEU E 72 41.80 9.10 -2.33
CA LEU E 72 40.89 7.96 -2.31
C LEU E 72 39.88 8.03 -1.15
N ASP E 73 40.38 8.25 0.06
CA ASP E 73 39.51 8.34 1.24
C ASP E 73 38.36 9.33 1.02
N ILE E 74 38.72 10.49 0.45
CA ILE E 74 37.76 11.55 0.17
C ILE E 74 36.69 11.11 -0.84
N ALA E 75 37.12 10.47 -1.93
CA ALA E 75 36.19 10.01 -2.94
C ALA E 75 35.28 8.91 -2.40
N LEU E 76 35.87 7.96 -1.68
CA LEU E 76 35.06 6.89 -1.12
C LEU E 76 34.01 7.43 -0.16
N GLN E 77 34.39 8.37 0.69
CA GLN E 77 33.42 8.91 1.64
C GLN E 77 32.17 9.47 0.96
N TYR E 78 32.36 10.13 -0.17
CA TYR E 78 31.25 10.70 -0.90
C TYR E 78 30.70 9.75 -1.96
N ARG E 79 30.41 8.54 -1.50
CA ARG E 79 29.84 7.48 -2.31
C ARG E 79 30.33 7.23 -3.73
N PHE E 80 31.50 7.73 -4.10
CA PHE E 80 31.99 7.50 -5.45
C PHE E 80 32.48 6.06 -5.63
N ASP E 81 32.41 5.57 -6.87
CA ASP E 81 32.81 4.20 -7.23
C ASP E 81 34.27 3.94 -6.88
N SER E 82 35.13 4.63 -7.62
CA SER E 82 36.57 4.50 -7.46
C SER E 82 37.25 5.82 -7.84
N GLN E 83 38.53 5.91 -7.53
CA GLN E 83 39.30 7.11 -7.86
C GLN E 83 39.09 7.56 -9.30
N GLN E 84 38.95 6.59 -10.20
CA GLN E 84 38.75 6.87 -11.62
C GLN E 84 37.42 7.53 -11.94
N THR E 85 36.35 7.01 -11.36
CA THR E 85 35.03 7.59 -11.57
C THR E 85 35.11 9.01 -11.05
N PHE E 86 35.67 9.15 -9.84
CA PHE E 86 35.82 10.44 -9.20
C PHE E 86 36.56 11.43 -10.08
N THR E 87 37.78 11.07 -10.47
CA THR E 87 38.59 11.95 -11.30
C THR E 87 37.84 12.45 -12.53
N ARG E 88 37.43 11.53 -13.41
CA ARG E 88 36.68 11.93 -14.60
C ARG E 88 35.66 13.00 -14.22
N ALA E 89 34.72 12.61 -13.35
CA ALA E 89 33.66 13.52 -12.93
C ALA E 89 34.21 14.88 -12.52
N PHE E 90 35.21 14.86 -11.64
CA PHE E 90 35.84 16.06 -11.14
C PHE E 90 36.37 16.96 -12.27
N LYS E 91 37.00 16.35 -13.27
CA LYS E 91 37.54 17.12 -14.37
C LYS E 91 36.45 17.87 -15.14
N LYS E 92 35.28 17.26 -15.28
CA LYS E 92 34.17 17.87 -15.99
C LYS E 92 33.66 19.13 -15.30
N GLN E 93 33.63 19.08 -13.98
CA GLN E 93 33.12 20.20 -13.19
C GLN E 93 34.11 21.32 -12.92
N PHE E 94 35.36 20.99 -12.61
CA PHE E 94 36.33 22.05 -12.33
C PHE E 94 37.41 22.20 -13.38
N ALA E 95 37.25 21.50 -14.50
CA ALA E 95 38.22 21.59 -15.58
C ALA E 95 39.65 21.46 -15.06
N GLN E 96 39.90 20.37 -14.34
CA GLN E 96 41.22 20.08 -13.80
C GLN E 96 41.18 18.82 -12.96
N THR E 97 42.34 18.22 -12.77
CA THR E 97 42.46 17.00 -11.97
C THR E 97 42.45 17.35 -10.49
N PRO E 98 41.97 16.43 -9.64
CA PRO E 98 41.96 16.77 -8.22
C PRO E 98 43.36 17.08 -7.68
N ALA E 99 44.36 16.35 -8.17
CA ALA E 99 45.75 16.54 -7.75
C ALA E 99 46.23 17.96 -7.99
N LEU E 100 45.95 18.48 -9.17
CA LEU E 100 46.39 19.82 -9.50
C LEU E 100 45.49 20.84 -8.81
N TYR E 101 44.29 20.41 -8.47
CA TYR E 101 43.29 21.26 -7.81
C TYR E 101 43.77 21.53 -6.40
N ARG E 102 44.45 20.54 -5.82
CA ARG E 102 44.96 20.69 -4.47
C ARG E 102 46.31 21.40 -4.45
N ARG E 103 47.27 20.95 -5.26
CA ARG E 103 48.58 21.58 -5.27
C ARG E 103 48.51 23.08 -5.57
N SER E 104 47.46 23.51 -6.27
CA SER E 104 47.30 24.90 -6.66
C SER E 104 47.43 25.94 -5.56
N PRO E 105 48.43 26.82 -5.67
CA PRO E 105 48.67 27.89 -4.69
C PRO E 105 47.40 28.68 -4.43
N GLU E 106 46.69 29.01 -5.51
CA GLU E 106 45.46 29.79 -5.41
C GLU E 106 44.21 28.93 -5.48
N TRP E 107 43.08 29.50 -5.09
CA TRP E 107 41.81 28.79 -5.09
C TRP E 107 40.64 29.68 -5.45
N SER E 108 39.80 29.21 -6.38
CA SER E 108 38.62 29.95 -6.83
C SER E 108 37.45 28.99 -6.79
N ALA E 109 36.25 29.55 -6.82
CA ALA E 109 35.05 28.74 -6.78
C ALA E 109 34.50 28.44 -8.17
N PHE E 110 35.35 28.55 -9.18
CA PHE E 110 34.96 28.32 -10.57
C PHE E 110 33.89 27.26 -10.79
N GLY E 111 34.09 26.08 -10.22
CA GLY E 111 33.11 25.03 -10.43
C GLY E 111 32.33 24.59 -9.21
N ILE E 112 32.35 25.41 -8.17
CA ILE E 112 31.62 25.05 -6.95
C ILE E 112 30.13 25.25 -7.09
N ARG E 113 29.39 24.27 -6.59
CA ARG E 113 27.93 24.28 -6.60
C ARG E 113 27.53 24.37 -5.13
N PRO E 114 27.29 25.59 -4.64
CA PRO E 114 26.89 25.78 -3.24
C PRO E 114 25.57 25.10 -2.98
N PRO E 115 25.26 24.83 -1.71
CA PRO E 115 23.97 24.18 -1.44
C PRO E 115 22.85 25.12 -1.87
N LEU E 116 21.61 24.61 -1.94
CA LEU E 116 20.49 25.44 -2.36
C LEU E 116 19.65 25.91 -1.20
N ARG E 117 19.40 27.22 -1.19
CA ARG E 117 18.58 27.85 -0.16
C ARG E 117 17.23 28.07 -0.83
N LEU E 118 16.16 27.60 -0.21
CA LEU E 118 14.85 27.77 -0.83
C LEU E 118 14.08 29.03 -0.44
N GLY E 119 14.67 29.85 0.42
CA GLY E 119 13.98 31.07 0.82
C GLY E 119 14.82 32.12 1.50
N GLU E 120 14.88 32.04 2.83
CA GLU E 120 15.63 33.00 3.64
C GLU E 120 17.02 32.55 4.09
N PHE E 121 18.04 33.10 3.44
CA PHE E 121 19.41 32.78 3.80
C PHE E 121 20.16 34.02 4.26
N THR E 122 20.68 33.95 5.47
CA THR E 122 21.44 35.04 6.05
C THR E 122 22.93 34.72 5.90
N MET E 123 23.57 35.34 4.91
CA MET E 123 24.99 35.11 4.67
C MET E 123 25.84 35.72 5.79
N PRO E 124 26.73 34.94 6.38
CA PRO E 124 27.57 35.49 7.46
C PRO E 124 28.09 36.86 7.08
N GLU E 125 28.13 37.76 8.04
CA GLU E 125 28.63 39.11 7.82
C GLU E 125 30.09 39.05 7.35
N HIS E 126 30.46 39.87 6.37
CA HIS E 126 31.83 39.92 5.86
C HIS E 126 32.29 41.34 5.60
N LYS E 127 33.61 41.54 5.58
CA LYS E 127 34.20 42.85 5.41
C LYS E 127 35.57 42.62 4.78
N PHE E 128 36.12 43.61 4.08
CA PHE E 128 37.45 43.43 3.50
C PHE E 128 38.39 44.30 4.31
N VAL E 129 39.50 43.70 4.73
CA VAL E 129 40.42 44.40 5.58
C VAL E 129 41.83 44.11 5.14
N THR E 130 42.73 44.97 5.55
CA THR E 130 44.11 44.74 5.24
C THR E 130 44.79 44.56 6.61
N LEU E 131 45.66 43.56 6.71
CA LEU E 131 46.34 43.28 7.95
C LEU E 131 47.81 43.61 7.78
N GLU E 132 48.46 43.92 8.88
CA GLU E 132 49.87 44.22 8.82
C GLU E 132 50.59 43.09 9.54
N ASP E 133 51.84 42.86 9.17
CA ASP E 133 52.60 41.79 9.80
C ASP E 133 52.40 41.90 11.31
N THR E 134 51.89 40.83 11.92
CA THR E 134 51.67 40.82 13.37
C THR E 134 52.50 39.71 14.03
N PRO E 135 53.47 40.09 14.88
CA PRO E 135 54.36 39.16 15.60
C PRO E 135 53.58 38.32 16.60
N LEU E 136 53.71 37.02 16.48
CA LEU E 136 52.98 36.11 17.34
C LEU E 136 53.88 35.08 17.96
N ILE E 137 53.32 34.30 18.87
CA ILE E 137 54.07 33.26 19.52
C ILE E 137 53.12 32.06 19.65
N GLY E 138 53.52 30.89 19.16
CA GLY E 138 52.62 29.77 19.27
C GLY E 138 53.17 28.36 19.11
N VAL E 139 52.25 27.43 19.05
CA VAL E 139 52.56 26.02 18.90
C VAL E 139 51.90 25.58 17.61
N THR E 140 52.59 24.78 16.81
CA THR E 140 52.01 24.37 15.53
C THR E 140 52.11 22.89 15.26
N GLN E 141 50.97 22.24 15.08
CA GLN E 141 51.00 20.83 14.81
C GLN E 141 50.24 20.39 13.57
N SER E 142 50.83 19.42 12.88
CA SER E 142 50.25 18.84 11.69
C SER E 142 49.10 17.98 12.18
N TYR E 143 47.97 18.02 11.47
CA TYR E 143 46.83 17.20 11.87
C TYR E 143 46.11 16.63 10.66
N SER E 144 45.33 15.58 10.89
CA SER E 144 44.60 14.94 9.81
C SER E 144 43.21 14.58 10.26
N CYS E 145 42.21 15.04 9.53
CA CYS E 145 40.84 14.75 9.89
C CYS E 145 39.90 14.96 8.69
N SER E 146 38.64 14.54 8.86
CA SER E 146 37.66 14.70 7.82
C SER E 146 37.14 16.13 7.88
N LEU E 147 36.54 16.56 6.78
CA LEU E 147 35.97 17.88 6.64
C LEU E 147 35.02 18.13 7.80
N GLU E 148 34.29 17.11 8.18
CA GLU E 148 33.30 17.21 9.25
C GLU E 148 33.86 17.30 10.66
N GLN E 149 35.17 17.07 10.82
CA GLN E 149 35.83 17.08 12.14
C GLN E 149 36.72 18.31 12.42
N ILE E 150 37.01 19.08 11.38
CA ILE E 150 37.86 20.25 11.52
C ILE E 150 37.62 21.07 12.78
N SER E 151 36.38 21.49 13.00
CA SER E 151 36.06 22.29 14.17
C SER E 151 36.46 21.61 15.48
N ASP E 152 36.17 20.32 15.61
CA ASP E 152 36.52 19.61 16.84
C ASP E 152 38.03 19.51 17.08
N PHE E 153 38.76 19.07 16.06
CA PHE E 153 40.21 18.96 16.19
C PHE E 153 40.83 20.28 16.55
N ARG E 154 40.43 21.35 15.87
CA ARG E 154 40.99 22.67 16.14
C ARG E 154 40.64 23.14 17.55
N HIS E 155 39.44 22.80 18.02
CA HIS E 155 39.00 23.20 19.35
C HIS E 155 39.84 22.54 20.42
N GLU E 156 40.33 21.33 20.14
CA GLU E 156 41.15 20.58 21.07
C GLU E 156 42.53 21.19 21.14
N MET E 157 43.11 21.49 19.99
CA MET E 157 44.42 22.08 19.92
C MET E 157 44.46 23.44 20.61
N ARG E 158 43.35 24.18 20.47
CA ARG E 158 43.22 25.51 21.06
C ARG E 158 43.03 25.38 22.56
N TYR E 159 42.26 24.37 22.96
CA TYR E 159 41.98 24.19 24.37
C TYR E 159 43.28 24.01 25.13
N GLN E 160 44.10 23.05 24.68
CA GLN E 160 45.37 22.78 25.34
C GLN E 160 46.25 24.00 25.50
N PHE E 161 46.52 24.67 24.39
CA PHE E 161 47.36 25.85 24.39
C PHE E 161 46.82 26.88 25.35
N TRP E 162 45.52 27.15 25.25
CA TRP E 162 44.92 28.16 26.08
C TRP E 162 44.99 27.86 27.59
N HIS E 163 44.56 26.67 28.00
CA HIS E 163 44.60 26.37 29.41
C HIS E 163 45.98 26.23 29.94
N ASP E 164 46.91 25.81 29.09
CA ASP E 164 48.28 25.71 29.52
C ASP E 164 48.79 27.12 29.72
N PHE E 165 48.41 28.03 28.83
CA PHE E 165 48.87 29.41 28.94
C PHE E 165 48.36 30.10 30.21
N LEU E 166 47.07 29.96 30.48
CA LEU E 166 46.49 30.60 31.64
C LEU E 166 46.98 30.02 32.97
N GLY E 167 47.76 28.93 32.90
CA GLY E 167 48.25 28.35 34.12
C GLY E 167 49.46 29.10 34.64
N ASN E 168 50.22 29.74 33.74
CA ASN E 168 51.40 30.47 34.15
C ASN E 168 51.36 31.96 33.85
N ALA E 169 50.19 32.48 33.48
CA ALA E 169 50.11 33.88 33.10
C ALA E 169 49.27 34.78 33.98
N PRO E 170 49.89 35.87 34.44
CA PRO E 170 49.33 36.90 35.30
C PRO E 170 48.34 37.82 34.57
N THR E 171 48.41 37.84 33.24
CA THR E 171 47.56 38.70 32.42
C THR E 171 46.84 37.91 31.35
N ILE E 172 45.62 38.33 31.01
CA ILE E 172 44.84 37.63 29.99
C ILE E 172 44.88 38.32 28.61
N PRO E 173 45.40 37.64 27.58
CA PRO E 173 45.46 38.23 26.22
C PRO E 173 44.03 38.39 25.68
N PRO E 174 43.81 39.44 24.87
CA PRO E 174 42.52 39.78 24.25
C PRO E 174 42.10 38.87 23.13
N VAL E 175 43.06 38.25 22.47
CA VAL E 175 42.75 37.41 21.31
C VAL E 175 43.52 36.11 21.27
N LEU E 176 42.92 35.09 20.67
CA LEU E 176 43.59 33.79 20.53
C LEU E 176 43.58 33.55 19.04
N TYR E 177 44.74 33.28 18.45
CA TYR E 177 44.76 33.05 17.01
C TYR E 177 44.87 31.59 16.68
N GLY E 178 44.24 31.22 15.57
CA GLY E 178 44.28 29.85 15.07
C GLY E 178 44.61 29.99 13.59
N LEU E 179 45.84 29.67 13.22
CA LEU E 179 46.30 29.80 11.84
C LEU E 179 46.32 28.48 11.13
N ASN E 180 45.64 28.38 9.99
CA ASN E 180 45.62 27.12 9.25
C ASN E 180 46.49 27.31 8.03
N GLU E 181 47.31 26.33 7.71
CA GLU E 181 48.21 26.42 6.57
C GLU E 181 48.31 25.09 5.86
N THR E 182 48.59 25.13 4.57
CA THR E 182 48.72 23.91 3.78
C THR E 182 50.07 23.88 3.13
N ARG E 183 50.65 22.68 3.07
CA ARG E 183 51.94 22.47 2.48
C ARG E 183 51.88 21.28 1.54
N PRO E 184 52.16 21.52 0.25
CA PRO E 184 52.15 20.51 -0.81
C PRO E 184 53.27 19.51 -0.57
N SER E 185 52.97 18.22 -0.73
CA SER E 185 53.99 17.19 -0.54
C SER E 185 54.90 17.15 -1.77
N GLN E 186 56.22 17.04 -1.53
CA GLN E 186 57.20 17.01 -2.61
C GLN E 186 57.35 15.67 -3.32
N ASP E 187 56.74 14.62 -2.80
CA ASP E 187 56.81 13.32 -3.45
C ASP E 187 55.77 13.28 -4.56
N LYS E 188 54.68 12.55 -4.35
CA LYS E 188 53.61 12.50 -5.34
C LYS E 188 52.76 13.70 -4.99
N ASP E 189 52.51 14.60 -5.95
CA ASP E 189 51.72 15.77 -5.59
C ASP E 189 50.20 15.61 -5.65
N ASP E 190 49.72 14.65 -4.88
CA ASP E 190 48.30 14.38 -4.74
C ASP E 190 48.12 14.53 -3.22
N GLU E 191 49.25 14.54 -2.53
CA GLU E 191 49.26 14.65 -1.07
C GLU E 191 49.69 16.05 -0.62
N GLN E 192 49.26 16.42 0.58
CA GLN E 192 49.60 17.72 1.16
C GLN E 192 49.48 17.64 2.69
N GLU E 193 50.16 18.54 3.38
CA GLU E 193 50.10 18.56 4.83
C GLU E 193 49.25 19.75 5.25
N VAL E 194 48.65 19.64 6.44
CA VAL E 194 47.80 20.70 6.96
C VAL E 194 48.26 20.98 8.38
N PHE E 195 48.53 22.23 8.68
CA PHE E 195 48.96 22.56 10.01
C PHE E 195 48.06 23.58 10.69
N TYR E 196 47.97 23.49 12.00
CA TYR E 196 47.20 24.45 12.76
C TYR E 196 48.19 25.07 13.73
N THR E 197 48.18 26.39 13.85
CA THR E 197 49.07 27.07 14.77
C THR E 197 48.21 27.81 15.78
N THR E 198 48.40 27.52 17.05
CA THR E 198 47.63 28.25 18.05
C THR E 198 48.65 29.23 18.57
N ALA E 199 48.31 30.51 18.52
CA ALA E 199 49.27 31.51 18.92
C ALA E 199 48.66 32.71 19.64
N LEU E 200 49.55 33.58 20.10
CA LEU E 200 49.19 34.76 20.84
C LEU E 200 50.07 35.87 20.32
N ALA E 201 49.72 37.11 20.67
CA ALA E 201 50.54 38.23 20.24
C ALA E 201 51.82 38.09 21.07
N GLN E 202 52.96 38.41 20.48
CA GLN E 202 54.23 38.31 21.19
C GLN E 202 54.22 39.15 22.47
N ASP E 203 53.58 40.30 22.41
CA ASP E 203 53.50 41.16 23.58
C ASP E 203 52.83 40.35 24.70
N GLN E 204 51.63 39.85 24.41
CA GLN E 204 50.83 39.07 25.36
C GLN E 204 51.52 37.86 25.96
N ALA E 205 51.47 36.74 25.25
CA ALA E 205 52.06 35.50 25.71
C ALA E 205 53.38 35.67 26.45
N ASP E 206 54.19 36.65 26.04
CA ASP E 206 55.46 36.87 26.71
C ASP E 206 56.17 35.51 26.79
N GLY E 207 56.95 35.31 27.84
CA GLY E 207 57.66 34.04 28.00
C GLY E 207 56.86 33.01 28.77
N TYR E 208 55.57 32.92 28.46
CA TYR E 208 54.69 31.98 29.14
C TYR E 208 54.25 30.79 28.29
N VAL E 209 54.57 30.82 27.00
CA VAL E 209 54.16 29.72 26.16
C VAL E 209 55.18 28.61 26.18
N LEU E 210 54.82 27.50 26.82
CA LEU E 210 55.68 26.33 26.90
C LEU E 210 55.86 25.84 25.47
N THR E 211 57.10 25.53 25.08
CA THR E 211 57.38 25.03 23.74
C THR E 211 56.85 25.94 22.62
N GLY E 212 56.77 27.23 22.90
CA GLY E 212 56.28 28.13 21.87
C GLY E 212 57.42 28.58 20.98
N HIS E 213 57.08 29.15 19.83
CA HIS E 213 58.08 29.66 18.91
C HIS E 213 57.54 30.90 18.19
N PRO E 214 58.43 31.67 17.55
CA PRO E 214 58.02 32.87 16.83
C PRO E 214 57.24 32.54 15.58
N VAL E 215 56.11 33.20 15.41
CA VAL E 215 55.25 32.99 14.26
C VAL E 215 54.88 34.35 13.69
N MET E 216 55.02 34.54 12.39
CA MET E 216 54.68 35.81 11.79
C MET E 216 53.34 35.74 11.06
N LEU E 217 52.32 36.38 11.64
CA LEU E 217 51.02 36.43 11.02
C LEU E 217 51.22 37.34 9.79
N GLN E 218 51.14 36.75 8.61
CA GLN E 218 51.36 37.47 7.34
C GLN E 218 50.37 38.59 7.00
N GLY E 219 50.91 39.76 6.64
CA GLY E 219 50.06 40.88 6.26
C GLY E 219 49.54 40.76 4.83
N GLY E 220 48.52 41.56 4.50
CA GLY E 220 47.94 41.50 3.17
C GLY E 220 46.44 41.73 3.17
N GLU E 221 45.79 41.43 2.04
CA GLU E 221 44.36 41.63 1.92
C GLU E 221 43.57 40.40 2.30
N TYR E 222 42.53 40.60 3.09
CA TYR E 222 41.71 39.49 3.54
C TYR E 222 40.25 39.85 3.53
N VAL E 223 39.43 38.80 3.53
CA VAL E 223 37.99 38.92 3.66
C VAL E 223 37.78 38.44 5.12
N MET E 224 36.95 39.12 5.88
CA MET E 224 36.69 38.71 7.26
C MET E 224 35.24 38.41 7.51
N PHE E 225 34.95 37.15 7.75
CA PHE E 225 33.60 36.72 8.08
C PHE E 225 33.52 36.72 9.60
N THR E 226 32.36 37.08 10.15
CA THR E 226 32.23 37.07 11.59
C THR E 226 31.18 36.07 11.98
N TYR E 227 31.34 35.49 13.15
CA TYR E 227 30.39 34.52 13.63
C TYR E 227 30.13 34.85 15.09
N GLU E 228 28.86 34.76 15.46
CA GLU E 228 28.42 35.02 16.82
C GLU E 228 27.34 33.98 17.04
N GLY E 229 27.58 33.07 17.97
CA GLY E 229 26.62 32.02 18.23
C GLY E 229 27.19 30.97 19.15
N LEU E 230 26.46 29.87 19.31
CA LEU E 230 26.93 28.81 20.17
C LEU E 230 28.21 28.27 19.56
N GLY E 231 29.14 27.87 20.42
CA GLY E 231 30.39 27.31 19.92
C GLY E 231 30.12 26.10 19.05
N THR E 232 28.96 25.49 19.25
CA THR E 232 28.55 24.32 18.49
C THR E 232 28.10 24.67 17.07
N GLY E 233 28.00 25.96 16.77
CA GLY E 233 27.61 26.39 15.44
C GLY E 233 28.81 26.72 14.58
N VAL E 234 29.99 26.66 15.19
CA VAL E 234 31.22 26.99 14.48
C VAL E 234 31.54 26.10 13.28
N GLN E 235 31.27 24.80 13.38
CA GLN E 235 31.53 23.87 12.26
C GLN E 235 30.72 24.30 11.06
N GLU E 236 29.45 24.57 11.30
CA GLU E 236 28.56 25.01 10.24
C GLU E 236 29.02 26.37 9.69
N PHE E 237 29.62 27.19 10.54
CA PHE E 237 30.08 28.52 10.13
C PHE E 237 31.22 28.47 9.12
N ILE E 238 32.18 27.58 9.36
CA ILE E 238 33.34 27.44 8.48
C ILE E 238 32.94 26.87 7.11
N LEU E 239 32.25 25.74 7.11
CA LEU E 239 31.86 25.15 5.84
C LEU E 239 31.03 26.08 4.97
N THR E 240 30.11 26.84 5.55
CA THR E 240 29.33 27.72 4.70
C THR E 240 30.20 28.87 4.17
N VAL E 241 31.29 29.16 4.88
CA VAL E 241 32.19 30.21 4.46
C VAL E 241 32.94 29.73 3.26
N TYR E 242 33.36 28.47 3.30
CA TYR E 242 34.11 27.89 2.20
C TYR E 242 33.17 27.30 1.15
N GLY E 243 32.05 26.76 1.59
CA GLY E 243 31.10 26.14 0.70
C GLY E 243 30.13 27.06 0.01
N THR E 244 29.87 28.23 0.57
CA THR E 244 28.93 29.12 -0.09
C THR E 244 29.27 30.62 -0.18
N CYS E 245 30.03 31.16 0.77
CA CYS E 245 30.35 32.59 0.68
C CYS E 245 31.47 32.91 -0.30
N MET E 246 32.57 32.15 -0.25
CA MET E 246 33.70 32.39 -1.14
C MET E 246 33.25 32.32 -2.57
N PRO E 247 32.50 31.27 -2.92
CA PRO E 247 32.03 31.17 -4.31
C PRO E 247 31.13 32.35 -4.64
N MET E 248 30.09 32.53 -3.83
CA MET E 248 29.15 33.61 -4.05
C MET E 248 29.83 34.97 -4.26
N LEU E 249 31.01 35.18 -3.68
CA LEU E 249 31.71 36.44 -3.83
C LEU E 249 32.68 36.42 -5.00
N ASN E 250 32.74 35.27 -5.68
CA ASN E 250 33.62 35.08 -6.82
C ASN E 250 34.99 35.66 -6.47
N LEU E 251 35.56 35.14 -5.38
CA LEU E 251 36.85 35.58 -4.90
C LEU E 251 37.91 34.52 -5.10
N THR E 252 39.18 34.95 -5.06
CA THR E 252 40.31 34.06 -5.19
C THR E 252 41.18 34.08 -3.94
N ARG E 253 41.32 32.92 -3.31
CA ARG E 253 42.15 32.78 -2.12
C ARG E 253 43.61 32.73 -2.56
N ARG E 254 44.47 33.56 -1.95
CA ARG E 254 45.89 33.58 -2.29
C ARG E 254 46.63 32.58 -1.40
N LYS E 255 47.85 32.25 -1.79
CA LYS E 255 48.66 31.35 -0.97
C LYS E 255 48.90 32.08 0.32
N GLY E 256 48.71 31.39 1.45
CA GLY E 256 48.91 32.02 2.74
C GLY E 256 48.21 31.26 3.84
N GLN E 257 47.85 31.97 4.90
CA GLN E 257 47.19 31.30 6.02
C GLN E 257 45.80 31.80 6.35
N ASP E 258 44.93 30.88 6.80
CA ASP E 258 43.58 31.23 7.20
C ASP E 258 43.68 31.68 8.65
N ILE E 259 43.03 32.77 8.99
CA ILE E 259 43.16 33.25 10.34
C ILE E 259 41.88 33.29 11.13
N GLU E 260 41.84 32.47 12.18
CA GLU E 260 40.72 32.43 13.08
C GLU E 260 41.14 33.28 14.30
N ARG E 261 40.29 34.20 14.71
CA ARG E 261 40.55 35.02 15.88
C ARG E 261 39.48 34.68 16.91
N TYR E 262 39.91 34.29 18.11
CA TYR E 262 38.95 34.01 19.15
C TYR E 262 39.17 35.01 20.26
N TYR E 263 38.14 35.21 21.06
CA TYR E 263 38.21 36.15 22.18
C TYR E 263 37.64 35.39 23.36
N PRO E 264 38.37 34.39 23.84
CA PRO E 264 37.93 33.57 24.97
C PRO E 264 37.65 34.37 26.23
N ALA E 265 38.52 35.33 26.52
CA ALA E 265 38.33 36.15 27.70
C ALA E 265 36.96 36.85 27.69
N GLU E 266 36.03 36.35 26.86
CA GLU E 266 34.69 36.93 26.76
C GLU E 266 33.54 35.93 26.68
N ASP E 267 33.77 34.66 26.99
CA ASP E 267 32.70 33.66 26.93
C ASP E 267 32.21 33.24 28.32
N ASP E 272 24.65 27.86 33.14
CA ASP E 272 25.92 27.52 32.44
C ASP E 272 25.62 26.88 31.07
N ARG E 273 24.46 27.23 30.51
CA ARG E 273 24.05 26.73 29.20
C ARG E 273 25.24 26.81 28.22
N PRO E 274 25.18 26.08 27.08
CA PRO E 274 26.31 26.18 26.16
C PRO E 274 26.66 27.65 25.96
N ILE E 275 27.95 27.97 25.94
CA ILE E 275 28.38 29.35 25.78
C ILE E 275 28.28 29.93 24.37
N ASN E 276 27.91 31.19 24.31
CA ASN E 276 27.79 31.95 23.08
C ASN E 276 29.17 32.53 22.86
N LEU E 277 29.68 32.46 21.64
CA LEU E 277 30.99 33.01 21.39
C LEU E 277 31.03 33.74 20.07
N ARG E 278 32.07 34.54 19.92
CA ARG E 278 32.27 35.32 18.74
C ARG E 278 33.67 34.95 18.24
N CYS E 279 33.89 35.07 16.93
CA CYS E 279 35.19 34.78 16.36
C CYS E 279 35.14 35.21 14.90
N GLU E 280 36.30 35.46 14.31
CA GLU E 280 36.37 35.87 12.93
C GLU E 280 37.24 34.94 12.11
N LEU E 281 36.78 34.62 10.92
CA LEU E 281 37.55 33.80 10.02
C LEU E 281 38.10 34.80 9.01
N LEU E 282 39.41 34.76 8.72
CA LEU E 282 39.99 35.71 7.81
C LEU E 282 40.63 34.94 6.68
N ILE E 283 40.23 35.22 5.44
CA ILE E 283 40.82 34.48 4.35
C ILE E 283 41.67 35.35 3.46
N PRO E 284 42.90 34.89 3.17
CA PRO E 284 43.85 35.63 2.34
C PRO E 284 43.31 35.61 0.90
N ILE E 285 43.09 36.83 0.41
CA ILE E 285 42.45 37.08 -0.84
C ILE E 285 43.12 37.95 -1.90
N ARG E 286 42.68 37.75 -3.14
CA ARG E 286 43.16 38.56 -4.26
C ARG E 286 41.87 38.98 -4.97
N ARG E 287 41.51 40.25 -4.84
CA ARG E 287 40.31 40.72 -5.47
C ARG E 287 40.54 40.95 -6.96
N LYS E 288 39.52 40.68 -7.77
CA LYS E 288 39.63 40.87 -9.21
C LYS E 288 39.37 42.32 -9.59
N LEU E 289 40.00 42.74 -10.69
CA LEU E 289 39.82 44.10 -11.19
C LEU E 289 38.63 44.10 -12.13
N ALA E 290 37.62 44.89 -11.82
CA ALA E 290 36.42 45.00 -12.65
C ALA E 290 36.72 45.71 -13.99
N ALA E 291 36.18 45.21 -15.10
CA ALA E 291 36.45 45.85 -16.40
C ALA E 291 35.51 47.02 -16.73
N ALA E 292 36.05 48.10 -17.27
CA ALA E 292 35.21 49.24 -17.66
C ALA E 292 34.18 48.77 -18.71
N GLN F 1 -52.16 -3.57 16.62
CA GLN F 1 -53.03 -4.72 16.20
C GLN F 1 -52.27 -5.62 15.23
N ALA F 2 -52.71 -6.88 15.16
CA ALA F 2 -52.08 -7.87 14.28
C ALA F 2 -52.38 -7.58 12.81
N GLY F 3 -53.23 -6.60 12.56
CA GLY F 3 -53.56 -6.24 11.20
C GLY F 3 -52.50 -5.32 10.65
N ILE F 4 -51.55 -4.95 11.51
CA ILE F 4 -50.48 -4.05 11.14
C ILE F 4 -49.27 -4.84 10.64
N ILE F 5 -49.05 -6.01 11.23
CA ILE F 5 -47.94 -6.89 10.84
C ILE F 5 -48.31 -7.71 9.61
N ARG F 6 -49.57 -8.12 9.54
CA ARG F 6 -50.09 -8.91 8.42
C ARG F 6 -49.54 -8.40 7.09
N ASP F 7 -49.72 -7.11 6.84
CA ASP F 7 -49.27 -6.49 5.60
C ASP F 7 -47.76 -6.28 5.56
N LEU F 8 -47.14 -6.18 6.74
CA LEU F 8 -45.69 -6.00 6.82
C LEU F 8 -45.01 -7.32 6.45
N LEU F 9 -45.46 -8.42 7.04
CA LEU F 9 -44.90 -9.73 6.74
C LEU F 9 -44.96 -10.06 5.25
N ILE F 10 -46.10 -9.77 4.64
CA ILE F 10 -46.27 -10.04 3.21
C ILE F 10 -45.38 -9.12 2.39
N TRP F 11 -44.95 -8.02 2.99
CA TRP F 11 -44.07 -7.07 2.31
C TRP F 11 -42.61 -7.47 2.50
N LEU F 12 -42.27 -7.87 3.72
CA LEU F 12 -40.90 -8.29 4.06
C LEU F 12 -40.56 -9.50 3.21
N GLU F 13 -41.46 -10.46 3.22
CA GLU F 13 -41.30 -11.70 2.48
C GLU F 13 -41.10 -11.44 1.00
N GLY F 14 -41.62 -10.31 0.53
CA GLY F 14 -41.49 -9.98 -0.88
C GLY F 14 -40.31 -9.08 -1.19
N HIS F 15 -39.43 -8.87 -0.22
CA HIS F 15 -38.27 -8.01 -0.47
C HIS F 15 -37.01 -8.43 0.26
N LEU F 16 -37.03 -9.61 0.86
CA LEU F 16 -35.85 -10.13 1.55
C LEU F 16 -34.76 -10.10 0.50
N ASP F 17 -35.22 -10.26 -0.73
CA ASP F 17 -34.37 -10.31 -1.92
C ASP F 17 -33.41 -9.14 -2.03
N GLN F 18 -33.81 -8.12 -2.78
CA GLN F 18 -32.95 -6.97 -3.01
C GLN F 18 -33.03 -5.83 -2.00
N PRO F 19 -34.22 -5.24 -1.81
CA PRO F 19 -34.31 -4.14 -0.84
C PRO F 19 -33.66 -4.49 0.50
N LEU F 20 -32.86 -3.57 1.03
CA LEU F 20 -32.21 -3.81 2.32
C LEU F 20 -33.07 -3.21 3.42
N SER F 21 -32.87 -3.68 4.65
CA SER F 21 -33.63 -3.17 5.77
C SER F 21 -33.17 -3.66 7.13
N LEU F 22 -33.34 -2.80 8.13
CA LEU F 22 -32.96 -3.08 9.51
C LEU F 22 -34.09 -2.56 10.40
N ASP F 23 -33.81 -2.36 11.68
CA ASP F 23 -34.83 -1.87 12.60
C ASP F 23 -35.14 -0.38 12.41
N ASN F 24 -34.58 0.20 11.33
CA ASN F 24 -34.82 1.60 10.98
C ASN F 24 -35.53 1.64 9.63
N VAL F 25 -34.96 0.97 8.63
CA VAL F 25 -35.55 0.91 7.30
C VAL F 25 -36.88 0.19 7.39
N ALA F 26 -37.10 -0.48 8.51
CA ALA F 26 -38.35 -1.20 8.75
C ALA F 26 -39.35 -0.23 9.36
N ALA F 27 -38.84 0.82 9.99
CA ALA F 27 -39.69 1.83 10.62
C ALA F 27 -40.37 2.70 9.56
N LYS F 28 -39.87 2.63 8.33
CA LYS F 28 -40.43 3.40 7.24
C LYS F 28 -41.78 2.82 6.82
N ALA F 29 -42.64 2.57 7.80
CA ALA F 29 -43.96 2.00 7.58
C ALA F 29 -44.99 2.56 8.58
N GLY F 30 -44.63 3.65 9.24
CA GLY F 30 -45.55 4.26 10.20
C GLY F 30 -44.94 4.66 11.52
N TYR F 31 -45.08 3.77 12.51
CA TYR F 31 -44.57 4.01 13.88
C TYR F 31 -43.06 4.24 14.04
N SER F 32 -42.54 3.94 15.23
CA SER F 32 -41.12 4.13 15.49
C SER F 32 -40.33 2.83 15.52
N LYS F 33 -39.01 2.97 15.57
CA LYS F 33 -38.12 1.82 15.60
C LYS F 33 -38.46 0.92 16.78
N TRP F 34 -38.31 1.45 18.00
CA TRP F 34 -38.58 0.68 19.22
C TRP F 34 -39.97 0.07 19.34
N HIS F 35 -41.00 0.80 18.92
CA HIS F 35 -42.36 0.29 19.03
C HIS F 35 -42.60 -0.80 17.99
N LEU F 36 -42.25 -0.50 16.74
CA LEU F 36 -42.40 -1.46 15.65
C LEU F 36 -41.95 -2.83 16.16
N GLN F 37 -40.88 -2.83 16.94
CA GLN F 37 -40.31 -4.05 17.51
C GLN F 37 -41.22 -4.75 18.51
N ARG F 38 -41.46 -4.13 19.66
CA ARG F 38 -42.34 -4.73 20.68
C ARG F 38 -43.64 -5.13 20.00
N MET F 39 -44.06 -4.30 19.06
CA MET F 39 -45.26 -4.52 18.27
C MET F 39 -45.03 -5.90 17.64
N PHE F 40 -44.17 -5.89 16.64
CA PHE F 40 -43.78 -7.08 15.89
C PHE F 40 -43.45 -8.26 16.83
N LYS F 41 -42.93 -7.95 18.01
CA LYS F 41 -42.54 -8.98 18.97
C LYS F 41 -43.72 -9.54 19.78
N ASP F 42 -44.47 -8.66 20.44
CA ASP F 42 -45.60 -9.14 21.24
C ASP F 42 -46.47 -10.04 20.37
N VAL F 43 -46.77 -9.57 19.17
CA VAL F 43 -47.59 -10.31 18.21
C VAL F 43 -46.99 -11.68 17.88
N THR F 44 -46.04 -11.68 16.93
CA THR F 44 -45.38 -12.89 16.47
C THR F 44 -44.62 -13.64 17.57
N GLY F 45 -44.17 -12.91 18.58
CA GLY F 45 -43.42 -13.53 19.65
C GLY F 45 -41.96 -13.67 19.24
N HIS F 46 -41.59 -12.94 18.18
CA HIS F 46 -40.24 -12.97 17.63
C HIS F 46 -39.75 -11.55 17.31
N ALA F 47 -38.45 -11.31 17.45
CA ALA F 47 -37.87 -10.01 17.16
C ALA F 47 -37.60 -9.86 15.67
N ILE F 48 -38.13 -8.79 15.09
CA ILE F 48 -37.99 -8.54 13.67
C ILE F 48 -36.60 -8.70 13.04
N GLY F 49 -35.59 -8.10 13.65
CA GLY F 49 -34.24 -8.16 13.11
C GLY F 49 -33.71 -9.58 12.92
N ALA F 50 -33.87 -10.40 13.94
CA ALA F 50 -33.41 -11.78 13.90
C ALA F 50 -34.24 -12.59 12.89
N TYR F 51 -35.54 -12.36 12.88
CA TYR F 51 -36.40 -13.07 11.94
C TYR F 51 -35.92 -12.82 10.52
N ILE F 52 -35.89 -11.55 10.11
CA ILE F 52 -35.45 -11.20 8.77
C ILE F 52 -34.13 -11.86 8.39
N ARG F 53 -33.25 -12.02 9.36
CA ARG F 53 -31.96 -12.64 9.10
C ARG F 53 -32.25 -14.05 8.63
N ALA F 54 -32.87 -14.84 9.50
CA ALA F 54 -33.21 -16.23 9.21
C ALA F 54 -34.04 -16.46 7.93
N ARG F 55 -34.87 -15.51 7.53
CA ARG F 55 -35.65 -15.70 6.31
C ARG F 55 -34.70 -15.58 5.11
N ARG F 56 -33.69 -14.74 5.24
CA ARG F 56 -32.72 -14.56 4.18
C ARG F 56 -31.78 -15.77 4.11
N LEU F 57 -31.36 -16.25 5.26
CA LEU F 57 -30.49 -17.41 5.32
C LEU F 57 -31.29 -18.54 4.72
N SER F 58 -32.52 -18.71 5.20
CA SER F 58 -33.40 -19.76 4.70
C SER F 58 -33.52 -19.66 3.17
N LYS F 59 -33.78 -18.45 2.66
CA LYS F 59 -33.90 -18.28 1.23
C LYS F 59 -32.55 -18.70 0.69
N SER F 60 -31.49 -18.29 1.36
CA SER F 60 -30.13 -18.63 0.93
C SER F 60 -29.94 -20.12 0.79
N ALA F 61 -30.41 -20.88 1.78
CA ALA F 61 -30.28 -22.32 1.79
C ALA F 61 -31.04 -22.98 0.64
N VAL F 62 -32.23 -22.47 0.34
CA VAL F 62 -33.02 -23.02 -0.76
C VAL F 62 -32.31 -22.76 -2.09
N ALA F 63 -31.70 -21.58 -2.20
CA ALA F 63 -30.96 -21.20 -3.39
C ALA F 63 -29.71 -22.05 -3.56
N LEU F 64 -29.12 -22.48 -2.46
CA LEU F 64 -27.93 -23.31 -2.55
C LEU F 64 -28.29 -24.68 -3.10
N ARG F 65 -29.47 -25.17 -2.75
CA ARG F 65 -29.93 -26.47 -3.20
C ARG F 65 -30.53 -26.45 -4.61
N LEU F 66 -31.32 -25.43 -4.90
CA LEU F 66 -31.97 -25.35 -6.20
C LEU F 66 -31.25 -24.67 -7.35
N THR F 67 -30.33 -23.73 -7.09
CA THR F 67 -29.64 -23.04 -8.19
C THR F 67 -28.15 -23.34 -8.35
N ALA F 68 -27.59 -22.85 -9.46
CA ALA F 68 -26.20 -23.09 -9.77
C ALA F 68 -25.33 -21.89 -9.43
N ARG F 69 -25.95 -20.76 -9.11
CA ARG F 69 -25.20 -19.56 -8.78
C ARG F 69 -24.10 -19.84 -7.75
N PRO F 70 -23.02 -19.04 -7.78
CA PRO F 70 -21.92 -19.23 -6.83
C PRO F 70 -22.33 -18.61 -5.49
N ILE F 71 -21.73 -19.10 -4.41
CA ILE F 71 -22.05 -18.65 -3.06
C ILE F 71 -21.95 -17.13 -2.81
N LEU F 72 -21.15 -16.43 -3.61
CA LEU F 72 -21.00 -14.99 -3.44
C LEU F 72 -22.24 -14.26 -3.96
N ASP F 73 -22.69 -14.66 -5.15
CA ASP F 73 -23.87 -14.04 -5.79
C ASP F 73 -25.11 -14.14 -4.93
N ILE F 74 -25.27 -15.27 -4.26
CA ILE F 74 -26.42 -15.53 -3.39
C ILE F 74 -26.31 -14.68 -2.12
N ALA F 75 -25.18 -14.78 -1.43
CA ALA F 75 -24.94 -14.01 -0.22
C ALA F 75 -25.10 -12.52 -0.53
N LEU F 76 -24.65 -12.11 -1.71
CA LEU F 76 -24.79 -10.72 -2.10
C LEU F 76 -26.25 -10.40 -2.38
N GLN F 77 -26.96 -11.30 -3.07
CA GLN F 77 -28.38 -11.04 -3.38
C GLN F 77 -29.19 -10.80 -2.12
N TYR F 78 -28.89 -11.55 -1.06
CA TYR F 78 -29.61 -11.41 0.19
C TYR F 78 -28.95 -10.42 1.14
N ARG F 79 -28.59 -9.27 0.58
CA ARG F 79 -28.00 -8.16 1.30
C ARG F 79 -26.84 -8.41 2.27
N PHE F 80 -26.20 -9.56 2.21
CA PHE F 80 -25.08 -9.81 3.12
C PHE F 80 -23.84 -9.02 2.73
N ASP F 81 -23.01 -8.71 3.73
CA ASP F 81 -21.78 -7.92 3.53
C ASP F 81 -20.85 -8.58 2.52
N SER F 82 -20.35 -9.76 2.87
CA SER F 82 -19.44 -10.51 2.01
C SER F 82 -19.63 -11.99 2.30
N GLN F 83 -18.88 -12.84 1.62
CA GLN F 83 -18.99 -14.28 1.86
C GLN F 83 -18.70 -14.66 3.30
N GLN F 84 -17.83 -13.88 3.95
CA GLN F 84 -17.44 -14.17 5.34
C GLN F 84 -18.62 -14.05 6.30
N THR F 85 -19.24 -12.88 6.29
CA THR F 85 -20.40 -12.63 7.14
C THR F 85 -21.38 -13.73 6.85
N PHE F 86 -21.76 -13.82 5.58
CA PHE F 86 -22.70 -14.83 5.11
C PHE F 86 -22.33 -16.20 5.66
N THR F 87 -21.05 -16.58 5.55
CA THR F 87 -20.65 -17.89 6.04
C THR F 87 -20.84 -18.03 7.54
N ARG F 88 -20.41 -17.03 8.30
CA ARG F 88 -20.55 -17.10 9.75
C ARG F 88 -22.02 -17.23 10.13
N ALA F 89 -22.83 -16.31 9.63
CA ALA F 89 -24.25 -16.30 9.90
C ALA F 89 -24.86 -17.63 9.48
N PHE F 90 -24.39 -18.17 8.37
CA PHE F 90 -24.91 -19.43 7.87
C PHE F 90 -24.63 -20.62 8.76
N LYS F 91 -23.42 -20.69 9.32
CA LYS F 91 -23.04 -21.80 10.18
C LYS F 91 -23.83 -21.76 11.49
N LYS F 92 -24.21 -20.57 11.92
CA LYS F 92 -24.99 -20.40 13.14
C LYS F 92 -26.31 -21.14 13.04
N GLN F 93 -27.06 -20.81 11.99
CA GLN F 93 -28.38 -21.37 11.75
C GLN F 93 -28.47 -22.83 11.35
N PHE F 94 -27.72 -23.22 10.33
CA PHE F 94 -27.80 -24.61 9.86
C PHE F 94 -26.68 -25.51 10.35
N ALA F 95 -25.90 -25.03 11.30
CA ALA F 95 -24.80 -25.81 11.87
C ALA F 95 -23.99 -26.55 10.81
N GLN F 96 -23.57 -25.82 9.79
CA GLN F 96 -22.78 -26.41 8.72
C GLN F 96 -22.36 -25.29 7.79
N THR F 97 -21.38 -25.58 6.95
CA THR F 97 -20.91 -24.58 5.99
C THR F 97 -21.75 -24.62 4.73
N PRO F 98 -21.91 -23.48 4.06
CA PRO F 98 -22.72 -23.50 2.84
C PRO F 98 -22.26 -24.56 1.85
N ALA F 99 -20.95 -24.62 1.60
CA ALA F 99 -20.43 -25.62 0.67
C ALA F 99 -20.87 -27.04 1.02
N LEU F 100 -20.74 -27.41 2.30
CA LEU F 100 -21.13 -28.75 2.69
C LEU F 100 -22.65 -28.94 2.63
N TYR F 101 -23.37 -27.84 2.80
CA TYR F 101 -24.84 -27.84 2.78
C TYR F 101 -25.31 -28.03 1.35
N ARG F 102 -24.53 -27.55 0.40
CA ARG F 102 -24.87 -27.68 -1.00
C ARG F 102 -24.44 -29.02 -1.58
N ARG F 103 -23.35 -29.59 -1.10
CA ARG F 103 -22.90 -30.87 -1.63
C ARG F 103 -23.74 -32.01 -1.08
N SER F 104 -24.15 -31.89 0.18
CA SER F 104 -24.93 -32.92 0.82
C SER F 104 -26.02 -33.56 -0.04
N PRO F 105 -25.87 -34.86 -0.33
CA PRO F 105 -26.80 -35.67 -1.12
C PRO F 105 -28.22 -35.50 -0.61
N GLU F 106 -28.39 -35.74 0.69
CA GLU F 106 -29.69 -35.61 1.34
C GLU F 106 -29.90 -34.17 1.76
N TRP F 107 -31.15 -33.83 2.07
CA TRP F 107 -31.51 -32.48 2.49
C TRP F 107 -32.60 -32.56 3.54
N SER F 108 -32.46 -31.74 4.58
CA SER F 108 -33.43 -31.75 5.67
C SER F 108 -33.82 -30.33 5.98
N ALA F 109 -34.76 -30.13 6.89
CA ALA F 109 -35.18 -28.78 7.24
C ALA F 109 -34.64 -28.36 8.60
N PHE F 110 -33.47 -28.88 8.96
CA PHE F 110 -32.89 -28.58 10.25
C PHE F 110 -33.02 -27.14 10.75
N GLY F 111 -32.63 -26.18 9.92
CA GLY F 111 -32.68 -24.81 10.38
C GLY F 111 -33.44 -23.82 9.53
N ILE F 112 -34.45 -24.31 8.81
CA ILE F 112 -35.22 -23.39 8.01
C ILE F 112 -36.30 -22.71 8.83
N ARG F 113 -36.34 -21.39 8.71
CA ARG F 113 -37.35 -20.58 9.38
C ARG F 113 -38.37 -20.32 8.26
N PRO F 114 -39.48 -21.06 8.27
CA PRO F 114 -40.48 -20.83 7.22
C PRO F 114 -41.13 -19.51 7.51
N PRO F 115 -41.48 -18.75 6.47
CA PRO F 115 -42.13 -17.44 6.69
C PRO F 115 -43.28 -17.60 7.68
N LEU F 116 -43.57 -16.54 8.44
CA LEU F 116 -44.63 -16.57 9.43
C LEU F 116 -46.03 -16.47 8.83
N ARG F 117 -46.96 -17.20 9.44
CA ARG F 117 -48.36 -17.21 9.00
C ARG F 117 -49.27 -16.69 10.10
N LEU F 118 -49.56 -15.39 10.07
CA LEU F 118 -50.40 -14.75 11.09
C LEU F 118 -51.83 -15.27 11.24
N GLY F 119 -52.38 -15.87 10.19
CA GLY F 119 -53.75 -16.36 10.30
C GLY F 119 -54.03 -17.77 9.84
N GLU F 120 -54.69 -17.86 8.69
CA GLU F 120 -55.08 -19.15 8.12
C GLU F 120 -54.26 -19.61 6.90
N PHE F 121 -53.14 -20.28 7.16
CA PHE F 121 -52.29 -20.78 6.09
C PHE F 121 -52.79 -22.14 5.58
N THR F 122 -53.15 -22.18 4.30
CA THR F 122 -53.62 -23.39 3.66
C THR F 122 -52.44 -24.07 2.92
N MET F 123 -51.89 -25.12 3.53
CA MET F 123 -50.76 -25.83 2.95
C MET F 123 -51.13 -26.65 1.72
N PRO F 124 -50.40 -26.44 0.61
CA PRO F 124 -50.70 -27.19 -0.60
C PRO F 124 -50.94 -28.65 -0.28
N GLU F 125 -51.80 -29.27 -1.05
CA GLU F 125 -52.19 -30.68 -0.94
C GLU F 125 -51.00 -31.60 -1.22
N HIS F 126 -50.83 -32.64 -0.40
CA HIS F 126 -49.74 -33.60 -0.59
C HIS F 126 -50.22 -35.02 -0.31
N LYS F 127 -49.53 -36.01 -0.88
CA LYS F 127 -49.88 -37.42 -0.76
C LYS F 127 -48.55 -38.17 -0.89
N PHE F 128 -48.42 -39.36 -0.30
CA PHE F 128 -47.17 -40.10 -0.43
C PHE F 128 -47.39 -41.19 -1.43
N VAL F 129 -46.48 -41.29 -2.39
CA VAL F 129 -46.65 -42.22 -3.46
C VAL F 129 -45.37 -42.95 -3.81
N THR F 130 -45.50 -44.06 -4.50
CA THR F 130 -44.34 -44.79 -4.94
C THR F 130 -44.43 -44.89 -6.46
N LEU F 131 -43.36 -44.50 -7.13
CA LEU F 131 -43.35 -44.54 -8.58
C LEU F 131 -42.43 -45.67 -8.99
N GLU F 132 -42.58 -46.13 -10.23
CA GLU F 132 -41.76 -47.22 -10.73
C GLU F 132 -40.96 -46.75 -11.93
N ASP F 133 -39.78 -47.33 -12.12
CA ASP F 133 -38.94 -46.97 -13.24
C ASP F 133 -39.80 -46.72 -14.47
N THR F 134 -39.71 -45.52 -15.03
CA THR F 134 -40.54 -45.15 -16.18
C THR F 134 -39.73 -44.61 -17.36
N PRO F 135 -39.78 -45.30 -18.51
CA PRO F 135 -39.04 -44.89 -19.70
C PRO F 135 -39.62 -43.60 -20.25
N LEU F 136 -38.76 -42.65 -20.50
CA LEU F 136 -39.17 -41.37 -21.04
C LEU F 136 -38.20 -41.04 -22.15
N ILE F 137 -38.52 -39.97 -22.86
CA ILE F 137 -37.69 -39.50 -23.95
C ILE F 137 -37.78 -37.98 -23.83
N GLY F 138 -36.65 -37.32 -23.70
CA GLY F 138 -36.67 -35.89 -23.56
C GLY F 138 -35.39 -35.15 -23.88
N VAL F 139 -35.36 -33.90 -23.46
CA VAL F 139 -34.23 -33.05 -23.69
C VAL F 139 -33.75 -32.48 -22.37
N THR F 140 -32.43 -32.45 -22.18
CA THR F 140 -31.90 -31.92 -20.95
C THR F 140 -30.91 -30.83 -21.20
N GLN F 141 -30.90 -29.85 -20.31
CA GLN F 141 -29.97 -28.77 -20.45
C GLN F 141 -29.66 -28.15 -19.11
N SER F 142 -28.42 -27.68 -19.02
CA SER F 142 -27.91 -27.04 -17.83
C SER F 142 -28.46 -25.62 -17.85
N TYR F 143 -28.91 -25.13 -16.70
CA TYR F 143 -29.39 -23.75 -16.60
C TYR F 143 -28.86 -23.12 -15.33
N SER F 144 -28.79 -21.80 -15.37
CA SER F 144 -28.29 -21.03 -14.25
C SER F 144 -29.14 -19.79 -14.11
N CYS F 145 -29.67 -19.58 -12.92
CA CYS F 145 -30.51 -18.43 -12.68
C CYS F 145 -30.74 -18.32 -11.19
N SER F 146 -31.47 -17.29 -10.80
CA SER F 146 -31.76 -17.08 -9.39
C SER F 146 -33.04 -17.79 -9.02
N LEU F 147 -33.24 -17.91 -7.71
CA LEU F 147 -34.40 -18.54 -7.12
C LEU F 147 -35.72 -17.98 -7.65
N GLU F 148 -35.81 -16.67 -7.76
CA GLU F 148 -37.02 -16.01 -8.23
C GLU F 148 -37.23 -16.13 -9.75
N GLN F 149 -36.28 -16.74 -10.44
CA GLN F 149 -36.39 -16.88 -11.89
C GLN F 149 -36.68 -18.30 -12.35
N ILE F 150 -36.62 -19.26 -11.43
CA ILE F 150 -36.83 -20.65 -11.78
C ILE F 150 -38.06 -20.99 -12.62
N SER F 151 -39.26 -20.72 -12.13
CA SER F 151 -40.45 -21.04 -12.89
C SER F 151 -40.37 -20.45 -14.29
N ASP F 152 -39.76 -19.28 -14.40
CA ASP F 152 -39.63 -18.64 -15.71
C ASP F 152 -38.72 -19.44 -16.64
N PHE F 153 -37.45 -19.58 -16.27
CA PHE F 153 -36.53 -20.35 -17.12
C PHE F 153 -37.14 -21.69 -17.46
N ARG F 154 -37.61 -22.40 -16.45
CA ARG F 154 -38.22 -23.70 -16.69
C ARG F 154 -39.40 -23.58 -17.63
N HIS F 155 -40.33 -22.68 -17.35
CA HIS F 155 -41.47 -22.56 -18.26
C HIS F 155 -41.03 -22.37 -19.71
N GLU F 156 -39.93 -21.67 -19.95
CA GLU F 156 -39.47 -21.46 -21.31
C GLU F 156 -38.96 -22.73 -21.97
N MET F 157 -38.19 -23.53 -21.23
CA MET F 157 -37.64 -24.78 -21.77
C MET F 157 -38.73 -25.77 -22.15
N ARG F 158 -39.75 -25.84 -21.31
CA ARG F 158 -40.86 -26.75 -21.50
C ARG F 158 -41.67 -26.26 -22.71
N TYR F 159 -41.71 -24.95 -22.91
CA TYR F 159 -42.47 -24.39 -24.02
C TYR F 159 -41.86 -24.83 -25.36
N GLN F 160 -40.58 -24.53 -25.54
CA GLN F 160 -39.90 -24.88 -26.78
C GLN F 160 -40.12 -26.35 -27.13
N PHE F 161 -39.73 -27.21 -26.21
CA PHE F 161 -39.86 -28.65 -26.37
C PHE F 161 -41.27 -29.04 -26.78
N TRP F 162 -42.26 -28.62 -25.99
CA TRP F 162 -43.65 -28.97 -26.27
C TRP F 162 -44.07 -28.57 -27.67
N HIS F 163 -43.97 -27.28 -28.00
CA HIS F 163 -44.37 -26.82 -29.33
C HIS F 163 -43.59 -27.40 -30.48
N ASP F 164 -42.32 -27.72 -30.27
CA ASP F 164 -41.51 -28.31 -31.35
C ASP F 164 -42.04 -29.70 -31.64
N PHE F 165 -42.51 -30.35 -30.58
CA PHE F 165 -43.04 -31.71 -30.62
C PHE F 165 -44.44 -31.77 -31.23
N LEU F 166 -45.31 -30.82 -30.85
CA LEU F 166 -46.65 -30.80 -31.39
C LEU F 166 -46.64 -30.51 -32.89
N GLY F 167 -45.57 -29.92 -33.38
CA GLY F 167 -45.49 -29.63 -34.79
C GLY F 167 -45.38 -30.90 -35.62
N ASN F 168 -44.83 -31.96 -35.03
CA ASN F 168 -44.66 -33.22 -35.76
C ASN F 168 -45.52 -34.37 -35.33
N ALA F 169 -46.32 -34.19 -34.28
CA ALA F 169 -47.10 -35.30 -33.78
C ALA F 169 -48.59 -35.26 -33.93
N PRO F 170 -49.15 -36.35 -34.47
CA PRO F 170 -50.56 -36.64 -34.74
C PRO F 170 -51.42 -36.86 -33.50
N THR F 171 -50.79 -37.18 -32.37
CA THR F 171 -51.53 -37.44 -31.12
C THR F 171 -50.97 -36.63 -29.99
N ILE F 172 -51.79 -36.29 -29.00
CA ILE F 172 -51.32 -35.49 -27.85
C ILE F 172 -51.02 -36.29 -26.57
N PRO F 173 -49.79 -36.21 -26.06
CA PRO F 173 -49.45 -36.94 -24.83
C PRO F 173 -50.24 -36.44 -23.62
N PRO F 174 -50.59 -37.33 -22.69
CA PRO F 174 -51.34 -36.92 -21.51
C PRO F 174 -50.53 -36.15 -20.47
N VAL F 175 -49.23 -36.39 -20.45
CA VAL F 175 -48.38 -35.78 -19.44
C VAL F 175 -47.10 -35.19 -20.00
N LEU F 176 -46.62 -34.13 -19.38
CA LEU F 176 -45.37 -33.52 -19.81
C LEU F 176 -44.48 -33.51 -18.58
N TYR F 177 -43.26 -34.01 -18.75
CA TYR F 177 -42.35 -34.09 -17.63
C TYR F 177 -41.24 -33.05 -17.55
N GLY F 178 -41.06 -32.53 -16.35
CA GLY F 178 -40.02 -31.57 -16.08
C GLY F 178 -39.25 -32.20 -14.92
N LEU F 179 -38.00 -32.60 -15.15
CA LEU F 179 -37.18 -33.27 -14.14
C LEU F 179 -36.01 -32.39 -13.75
N ASN F 180 -35.85 -32.16 -12.46
CA ASN F 180 -34.76 -31.31 -11.99
C ASN F 180 -33.70 -32.13 -11.23
N GLU F 181 -32.44 -31.89 -11.53
CA GLU F 181 -31.36 -32.63 -10.88
C GLU F 181 -30.15 -31.74 -10.61
N THR F 182 -29.35 -32.12 -9.61
CA THR F 182 -28.14 -31.36 -9.29
C THR F 182 -26.94 -32.25 -9.44
N ARG F 183 -25.80 -31.64 -9.74
CA ARG F 183 -24.56 -32.36 -9.94
C ARG F 183 -23.42 -31.62 -9.24
N PRO F 184 -22.89 -32.19 -8.16
CA PRO F 184 -21.79 -31.59 -7.39
C PRO F 184 -20.61 -31.42 -8.32
N SER F 185 -19.91 -30.30 -8.26
CA SER F 185 -18.76 -30.11 -9.14
C SER F 185 -17.61 -31.02 -8.70
N GLN F 186 -16.65 -31.26 -9.59
CA GLN F 186 -15.54 -32.13 -9.24
C GLN F 186 -14.26 -31.37 -8.86
N ASP F 187 -14.35 -30.06 -8.79
CA ASP F 187 -13.21 -29.23 -8.41
C ASP F 187 -13.51 -28.73 -7.00
N LYS F 188 -13.89 -27.47 -6.89
CA LYS F 188 -14.23 -26.92 -5.59
C LYS F 188 -15.70 -27.27 -5.37
N ASP F 189 -16.01 -28.00 -4.30
CA ASP F 189 -17.39 -28.39 -4.09
C ASP F 189 -18.26 -27.35 -3.41
N ASP F 190 -18.10 -26.12 -3.85
CA ASP F 190 -18.90 -25.02 -3.36
C ASP F 190 -19.77 -24.70 -4.57
N GLU F 191 -19.47 -25.38 -5.68
CA GLU F 191 -20.20 -25.18 -6.91
C GLU F 191 -21.03 -26.42 -7.27
N GLN F 192 -21.96 -26.24 -8.20
CA GLN F 192 -22.83 -27.34 -8.60
C GLN F 192 -23.53 -26.95 -9.89
N GLU F 193 -23.97 -27.96 -10.64
CA GLU F 193 -24.68 -27.70 -11.89
C GLU F 193 -26.11 -28.10 -11.62
N VAL F 194 -27.02 -27.58 -12.44
CA VAL F 194 -28.42 -27.90 -12.28
C VAL F 194 -28.98 -28.14 -13.67
N PHE F 195 -29.61 -29.29 -13.86
CA PHE F 195 -30.17 -29.58 -15.16
C PHE F 195 -31.67 -29.70 -15.12
N TYR F 196 -32.31 -29.35 -16.23
CA TYR F 196 -33.75 -29.48 -16.35
C TYR F 196 -33.99 -30.39 -17.53
N THR F 197 -34.82 -31.41 -17.34
CA THR F 197 -35.13 -32.33 -18.42
C THR F 197 -36.62 -32.21 -18.75
N THR F 198 -36.91 -31.91 -20.02
CA THR F 198 -38.29 -31.82 -20.48
C THR F 198 -38.47 -33.11 -21.27
N ALA F 199 -39.46 -33.92 -20.90
CA ALA F 199 -39.64 -35.21 -21.57
C ALA F 199 -41.04 -35.77 -21.58
N LEU F 200 -41.20 -36.81 -22.39
CA LEU F 200 -42.45 -37.52 -22.59
C LEU F 200 -42.31 -39.00 -22.28
N ALA F 201 -43.44 -39.67 -22.10
CA ALA F 201 -43.44 -41.11 -21.88
C ALA F 201 -42.90 -41.59 -23.21
N GLN F 202 -41.95 -42.52 -23.17
CA GLN F 202 -41.36 -43.05 -24.41
C GLN F 202 -42.40 -43.52 -25.46
N ASP F 203 -43.51 -44.07 -24.98
CA ASP F 203 -44.56 -44.54 -25.89
C ASP F 203 -45.09 -43.35 -26.68
N GLN F 204 -45.53 -42.32 -25.95
CA GLN F 204 -46.08 -41.11 -26.53
C GLN F 204 -45.18 -40.49 -27.59
N ALA F 205 -44.20 -39.71 -27.15
CA ALA F 205 -43.29 -39.03 -28.07
C ALA F 205 -42.90 -39.84 -29.30
N ASP F 206 -42.81 -41.15 -29.15
CA ASP F 206 -42.43 -41.99 -30.28
C ASP F 206 -41.19 -41.36 -30.93
N GLY F 207 -41.05 -41.49 -32.24
CA GLY F 207 -39.90 -40.91 -32.92
C GLY F 207 -40.18 -39.52 -33.42
N TYR F 208 -40.82 -38.70 -32.58
CA TYR F 208 -41.17 -37.33 -32.94
C TYR F 208 -40.38 -36.27 -32.20
N VAL F 209 -39.63 -36.68 -31.19
CA VAL F 209 -38.85 -35.72 -30.43
C VAL F 209 -37.51 -35.60 -31.11
N LEU F 210 -37.18 -34.36 -31.48
CA LEU F 210 -35.91 -34.05 -32.14
C LEU F 210 -34.88 -33.83 -31.04
N THR F 211 -33.65 -34.28 -31.26
CA THR F 211 -32.55 -34.16 -30.29
C THR F 211 -32.90 -34.80 -28.95
N GLY F 212 -33.86 -35.71 -28.97
CA GLY F 212 -34.26 -36.38 -27.75
C GLY F 212 -33.36 -37.57 -27.48
N HIS F 213 -33.34 -38.00 -26.22
CA HIS F 213 -32.55 -39.16 -25.82
C HIS F 213 -33.28 -39.88 -24.69
N PRO F 214 -32.97 -41.16 -24.46
CA PRO F 214 -33.66 -41.91 -23.39
C PRO F 214 -33.45 -41.33 -22.00
N VAL F 215 -34.52 -41.24 -21.24
CA VAL F 215 -34.43 -40.73 -19.89
C VAL F 215 -35.21 -41.63 -18.96
N MET F 216 -34.57 -42.07 -17.88
CA MET F 216 -35.23 -42.94 -16.93
C MET F 216 -35.68 -42.19 -15.68
N LEU F 217 -36.97 -42.01 -15.56
CA LEU F 217 -37.56 -41.38 -14.39
C LEU F 217 -37.40 -42.49 -13.32
N GLN F 218 -36.49 -42.27 -12.38
CA GLN F 218 -36.19 -43.24 -11.33
C GLN F 218 -37.32 -43.55 -10.37
N GLY F 219 -37.59 -44.84 -10.18
CA GLY F 219 -38.64 -45.23 -9.25
C GLY F 219 -38.24 -45.01 -7.79
N GLY F 220 -39.24 -45.02 -6.90
CA GLY F 220 -38.95 -44.83 -5.50
C GLY F 220 -40.08 -44.20 -4.71
N GLU F 221 -39.74 -43.68 -3.54
CA GLU F 221 -40.74 -43.04 -2.69
C GLU F 221 -40.68 -41.54 -2.85
N TYR F 222 -41.84 -40.93 -3.05
CA TYR F 222 -41.93 -39.49 -3.25
C TYR F 222 -43.09 -38.91 -2.50
N VAL F 223 -43.02 -37.59 -2.31
CA VAL F 223 -44.10 -36.82 -1.70
C VAL F 223 -44.65 -36.08 -2.93
N MET F 224 -45.97 -36.01 -3.07
CA MET F 224 -46.55 -35.32 -4.20
C MET F 224 -47.38 -34.12 -3.77
N PHE F 225 -46.95 -32.94 -4.16
CA PHE F 225 -47.71 -31.73 -3.87
C PHE F 225 -48.44 -31.39 -5.14
N THR F 226 -49.74 -31.14 -5.05
CA THR F 226 -50.43 -30.78 -6.27
C THR F 226 -50.84 -29.31 -6.15
N TYR F 227 -50.83 -28.65 -7.28
CA TYR F 227 -51.17 -27.25 -7.39
C TYR F 227 -52.20 -27.11 -8.48
N GLU F 228 -53.17 -26.24 -8.22
CA GLU F 228 -54.22 -25.94 -9.17
C GLU F 228 -54.38 -24.42 -9.13
N GLY F 229 -54.19 -23.78 -10.27
CA GLY F 229 -54.31 -22.34 -10.33
C GLY F 229 -53.75 -21.69 -11.57
N LEU F 230 -53.61 -20.38 -11.51
CA LEU F 230 -53.08 -19.63 -12.64
C LEU F 230 -51.64 -20.04 -12.83
N GLY F 231 -51.17 -19.89 -14.06
CA GLY F 231 -49.79 -20.24 -14.36
C GLY F 231 -48.77 -19.35 -13.70
N THR F 232 -49.17 -18.15 -13.28
CA THR F 232 -48.23 -17.23 -12.64
C THR F 232 -48.11 -17.50 -11.15
N GLY F 233 -48.92 -18.44 -10.65
CA GLY F 233 -48.83 -18.81 -9.25
C GLY F 233 -47.93 -20.00 -9.04
N VAL F 234 -47.35 -20.53 -10.11
CA VAL F 234 -46.48 -21.69 -10.03
C VAL F 234 -45.20 -21.46 -9.23
N GLN F 235 -44.57 -20.30 -9.42
CA GLN F 235 -43.34 -19.93 -8.71
C GLN F 235 -43.55 -19.92 -7.19
N GLU F 236 -44.68 -19.39 -6.74
CA GLU F 236 -44.94 -19.35 -5.31
C GLU F 236 -45.13 -20.78 -4.81
N PHE F 237 -45.89 -21.57 -5.57
CA PHE F 237 -46.15 -22.96 -5.23
C PHE F 237 -44.85 -23.68 -4.90
N ILE F 238 -43.93 -23.65 -5.85
CA ILE F 238 -42.62 -24.26 -5.69
C ILE F 238 -41.95 -23.77 -4.42
N LEU F 239 -41.84 -22.45 -4.29
CA LEU F 239 -41.20 -21.92 -3.11
C LEU F 239 -41.89 -22.33 -1.82
N THR F 240 -43.22 -22.28 -1.73
CA THR F 240 -43.82 -22.69 -0.47
C THR F 240 -43.59 -24.19 -0.25
N VAL F 241 -43.46 -24.96 -1.33
CA VAL F 241 -43.24 -26.38 -1.18
C VAL F 241 -41.87 -26.59 -0.57
N TYR F 242 -40.89 -25.91 -1.16
CA TYR F 242 -39.53 -26.02 -0.67
C TYR F 242 -39.28 -25.22 0.59
N GLY F 243 -39.76 -23.98 0.57
CA GLY F 243 -39.55 -23.08 1.68
C GLY F 243 -40.37 -23.30 2.92
N THR F 244 -41.49 -24.00 2.83
CA THR F 244 -42.29 -24.20 4.03
C THR F 244 -42.99 -25.57 4.20
N CYS F 245 -43.32 -26.24 3.11
CA CYS F 245 -43.97 -27.55 3.24
C CYS F 245 -42.99 -28.65 3.63
N MET F 246 -41.85 -28.74 2.95
CA MET F 246 -40.87 -29.77 3.29
C MET F 246 -40.49 -29.68 4.75
N PRO F 247 -40.19 -28.47 5.25
CA PRO F 247 -39.83 -28.28 6.66
C PRO F 247 -40.94 -28.72 7.61
N MET F 248 -42.12 -28.16 7.42
CA MET F 248 -43.26 -28.47 8.27
C MET F 248 -43.52 -29.98 8.37
N LEU F 249 -43.14 -30.74 7.35
CA LEU F 249 -43.36 -32.19 7.38
C LEU F 249 -42.15 -32.93 7.94
N ASN F 250 -41.13 -32.18 8.32
CA ASN F 250 -39.89 -32.73 8.86
C ASN F 250 -39.52 -33.94 8.02
N LEU F 251 -39.32 -33.72 6.73
CA LEU F 251 -38.97 -34.77 5.79
C LEU F 251 -37.55 -34.63 5.28
N THR F 252 -37.02 -35.71 4.71
CA THR F 252 -35.67 -35.72 4.16
C THR F 252 -35.69 -36.08 2.69
N ARG F 253 -35.10 -35.21 1.88
CA ARG F 253 -35.02 -35.37 0.44
C ARG F 253 -33.86 -36.28 0.04
N ARG F 254 -34.18 -37.45 -0.51
CA ARG F 254 -33.19 -38.40 -0.97
C ARG F 254 -32.51 -37.77 -2.18
N LYS F 255 -31.38 -38.34 -2.58
CA LYS F 255 -30.67 -37.88 -3.75
C LYS F 255 -31.53 -38.40 -4.90
N GLY F 256 -31.68 -37.62 -5.95
CA GLY F 256 -32.50 -38.06 -7.06
C GLY F 256 -32.95 -36.88 -7.90
N GLN F 257 -34.17 -36.95 -8.43
CA GLN F 257 -34.63 -35.85 -9.23
C GLN F 257 -36.01 -35.39 -8.81
N ASP F 258 -36.26 -34.08 -8.91
CA ASP F 258 -37.56 -33.54 -8.61
C ASP F 258 -38.33 -33.72 -9.90
N ILE F 259 -39.57 -34.14 -9.79
CA ILE F 259 -40.35 -34.37 -10.97
C ILE F 259 -41.61 -33.51 -11.02
N GLU F 260 -41.69 -32.68 -12.05
CA GLU F 260 -42.84 -31.84 -12.26
C GLU F 260 -43.65 -32.54 -13.33
N ARG F 261 -44.94 -32.68 -13.09
CA ARG F 261 -45.82 -33.30 -14.07
C ARG F 261 -46.81 -32.23 -14.51
N TYR F 262 -46.86 -31.97 -15.81
CA TYR F 262 -47.80 -31.00 -16.32
C TYR F 262 -48.77 -31.70 -17.23
N TYR F 263 -50.00 -31.22 -17.27
CA TYR F 263 -51.01 -31.79 -18.12
C TYR F 263 -51.45 -30.67 -19.06
N PRO F 264 -50.59 -30.30 -20.04
CA PRO F 264 -50.96 -29.23 -20.96
C PRO F 264 -52.21 -29.45 -21.81
N ALA F 265 -52.43 -30.67 -22.29
CA ALA F 265 -53.63 -30.89 -23.10
C ALA F 265 -54.90 -30.53 -22.32
N GLU F 266 -54.75 -29.72 -21.27
CA GLU F 266 -55.87 -29.30 -20.45
C GLU F 266 -55.79 -27.83 -20.02
N ASP F 267 -55.45 -26.94 -20.94
CA ASP F 267 -55.34 -25.52 -20.61
C ASP F 267 -56.28 -24.64 -21.43
N ASP F 272 -59.98 -15.44 -23.09
CA ASP F 272 -58.54 -15.81 -23.20
C ASP F 272 -57.78 -15.28 -21.98
N ARG F 273 -58.50 -15.18 -20.85
CA ARG F 273 -57.93 -14.70 -19.59
C ARG F 273 -56.77 -15.60 -19.19
N PRO F 274 -56.07 -15.27 -18.09
CA PRO F 274 -54.96 -16.15 -17.71
C PRO F 274 -55.50 -17.58 -17.54
N ILE F 275 -54.82 -18.53 -18.14
CA ILE F 275 -55.22 -19.93 -18.07
C ILE F 275 -54.94 -20.62 -16.74
N ASN F 276 -55.97 -21.24 -16.19
CA ASN F 276 -55.86 -21.99 -14.93
C ASN F 276 -55.23 -23.33 -15.30
N LEU F 277 -54.23 -23.76 -14.53
CA LEU F 277 -53.60 -25.04 -14.83
C LEU F 277 -53.44 -25.97 -13.64
N ARG F 278 -52.91 -27.14 -13.93
CA ARG F 278 -52.71 -28.15 -12.91
C ARG F 278 -51.36 -28.82 -13.12
N CYS F 279 -50.65 -29.02 -12.02
CA CYS F 279 -49.37 -29.71 -12.09
C CYS F 279 -49.04 -30.30 -10.73
N GLU F 280 -48.20 -31.31 -10.74
CA GLU F 280 -47.82 -31.94 -9.50
C GLU F 280 -46.33 -31.89 -9.39
N LEU F 281 -45.87 -31.74 -8.16
CA LEU F 281 -44.46 -31.71 -7.88
C LEU F 281 -44.14 -32.92 -7.00
N LEU F 282 -43.17 -33.73 -7.41
CA LEU F 282 -42.78 -34.92 -6.67
C LEU F 282 -41.37 -34.78 -6.17
N ILE F 283 -41.17 -35.04 -4.88
CA ILE F 283 -39.86 -34.93 -4.30
C ILE F 283 -39.44 -36.27 -3.74
N PRO F 284 -38.27 -36.77 -4.17
CA PRO F 284 -37.75 -38.05 -3.70
C PRO F 284 -37.49 -37.96 -2.18
N ILE F 285 -38.23 -38.79 -1.46
CA ILE F 285 -38.25 -38.76 0.00
C ILE F 285 -37.84 -40.03 0.71
N ARG F 286 -37.18 -39.86 1.85
CA ARG F 286 -36.81 -41.01 2.68
C ARG F 286 -37.45 -40.74 4.03
N ARG F 287 -38.60 -41.34 4.29
CA ARG F 287 -39.32 -41.13 5.54
C ARG F 287 -38.60 -41.74 6.76
N LYS F 288 -38.70 -41.06 7.89
CA LYS F 288 -38.07 -41.52 9.13
C LYS F 288 -39.03 -42.45 9.87
N LEU F 289 -38.45 -43.41 10.57
CA LEU F 289 -39.20 -44.39 11.36
C LEU F 289 -39.49 -43.83 12.75
N ALA F 290 -40.76 -43.65 13.09
CA ALA F 290 -41.15 -43.15 14.40
C ALA F 290 -40.81 -44.17 15.49
N ALA F 291 -40.20 -43.70 16.58
CA ALA F 291 -39.82 -44.62 17.67
C ALA F 291 -41.05 -45.00 18.48
N ALA F 292 -41.06 -46.20 19.01
CA ALA F 292 -42.19 -46.63 19.85
C ALA F 292 -42.05 -45.88 21.18
N GLN G 1 -24.15 7.57 34.91
CA GLN G 1 -23.95 8.86 35.63
C GLN G 1 -22.49 9.01 36.00
N ALA G 2 -22.02 10.25 36.12
CA ALA G 2 -20.64 10.51 36.48
C ALA G 2 -20.43 10.16 37.95
N GLY G 3 -21.52 9.78 38.62
CA GLY G 3 -21.45 9.43 40.03
C GLY G 3 -21.02 8.00 40.29
N ILE G 4 -20.91 7.20 39.24
CA ILE G 4 -20.50 5.80 39.38
C ILE G 4 -19.06 5.71 38.90
N ILE G 5 -18.77 6.43 37.83
CA ILE G 5 -17.44 6.46 37.24
C ILE G 5 -16.52 7.17 38.22
N ARG G 6 -17.12 7.98 39.09
CA ARG G 6 -16.39 8.72 40.12
C ARG G 6 -15.76 7.71 41.08
N ASP G 7 -16.60 7.04 41.86
CA ASP G 7 -16.12 6.06 42.83
C ASP G 7 -15.48 4.86 42.15
N LEU G 8 -15.34 4.93 40.83
CA LEU G 8 -14.73 3.84 40.07
C LEU G 8 -13.27 4.18 39.78
N LEU G 9 -13.00 5.45 39.45
CA LEU G 9 -11.65 5.91 39.17
C LEU G 9 -10.86 5.92 40.47
N ILE G 10 -11.53 6.20 41.58
CA ILE G 10 -10.89 6.20 42.87
C ILE G 10 -10.41 4.78 43.17
N TRP G 11 -11.10 3.81 42.58
CA TRP G 11 -10.76 2.41 42.78
C TRP G 11 -9.65 1.94 41.84
N LEU G 12 -9.81 2.21 40.54
CA LEU G 12 -8.81 1.81 39.56
C LEU G 12 -7.45 2.44 39.88
N GLU G 13 -7.49 3.66 40.38
CA GLU G 13 -6.26 4.39 40.71
C GLU G 13 -5.50 3.77 41.87
N GLY G 14 -6.22 3.24 42.85
CA GLY G 14 -5.54 2.64 43.98
C GLY G 14 -5.30 1.16 43.77
N HIS G 15 -5.74 0.62 42.64
CA HIS G 15 -5.56 -0.80 42.41
C HIS G 15 -4.89 -1.22 41.10
N LEU G 16 -4.29 -0.27 40.39
CA LEU G 16 -3.58 -0.59 39.16
C LEU G 16 -2.50 -1.49 39.70
N ASP G 17 -2.13 -1.16 40.93
CA ASP G 17 -1.10 -1.81 41.71
C ASP G 17 -1.15 -3.33 41.62
N GLN G 18 -1.22 -3.98 42.78
CA GLN G 18 -1.26 -5.42 42.85
C GLN G 18 -2.47 -5.99 42.10
N PRO G 19 -3.70 -5.80 42.63
CA PRO G 19 -4.88 -6.34 41.95
C PRO G 19 -4.87 -6.23 40.42
N LEU G 20 -5.19 -7.33 39.75
CA LEU G 20 -5.24 -7.39 38.29
C LEU G 20 -6.66 -7.09 37.81
N SER G 21 -6.78 -6.46 36.64
CA SER G 21 -8.10 -6.11 36.14
C SER G 21 -8.20 -5.81 34.64
N LEU G 22 -9.20 -6.39 33.97
CA LEU G 22 -9.45 -6.16 32.55
C LEU G 22 -10.92 -5.76 32.41
N ASP G 23 -11.33 -5.39 31.20
CA ASP G 23 -12.71 -4.98 30.96
C ASP G 23 -13.71 -5.83 31.76
N ASN G 24 -13.43 -7.13 31.85
CA ASN G 24 -14.29 -8.04 32.60
C ASN G 24 -14.12 -7.78 34.10
N VAL G 25 -12.90 -7.90 34.61
CA VAL G 25 -12.66 -7.66 36.03
C VAL G 25 -13.10 -6.24 36.39
N ALA G 26 -12.86 -5.30 35.49
CA ALA G 26 -13.24 -3.91 35.71
C ALA G 26 -14.77 -3.82 35.69
N ALA G 27 -15.41 -4.93 35.36
CA ALA G 27 -16.87 -4.98 35.32
C ALA G 27 -17.37 -5.40 36.70
N LYS G 28 -16.42 -5.64 37.61
CA LYS G 28 -16.75 -6.02 38.97
C LYS G 28 -17.29 -4.79 39.67
N ALA G 29 -17.93 -3.94 38.88
CA ALA G 29 -18.54 -2.71 39.34
C ALA G 29 -20.05 -2.92 39.28
N GLY G 30 -20.45 -4.15 38.99
CA GLY G 30 -21.87 -4.47 38.92
C GLY G 30 -22.42 -4.48 37.51
N TYR G 31 -21.97 -3.55 36.68
CA TYR G 31 -22.45 -3.46 35.30
C TYR G 31 -21.88 -4.51 34.34
N SER G 32 -22.38 -4.47 33.11
CA SER G 32 -21.96 -5.40 32.06
C SER G 32 -20.84 -4.79 31.22
N LYS G 33 -19.93 -5.65 30.79
CA LYS G 33 -18.77 -5.28 29.99
C LYS G 33 -18.89 -4.13 28.97
N TRP G 34 -19.95 -4.12 28.17
CA TRP G 34 -20.12 -3.09 27.14
C TRP G 34 -20.80 -1.80 27.58
N HIS G 35 -21.90 -1.92 28.31
CA HIS G 35 -22.59 -0.73 28.78
C HIS G 35 -21.55 0.09 29.53
N LEU G 36 -20.75 -0.59 30.35
CA LEU G 36 -19.72 0.07 31.14
C LEU G 36 -18.80 0.94 30.31
N GLN G 37 -18.25 0.38 29.24
CA GLN G 37 -17.34 1.12 28.37
C GLN G 37 -17.96 2.40 27.81
N ARG G 38 -19.16 2.28 27.25
CA ARG G 38 -19.82 3.46 26.68
C ARG G 38 -20.10 4.48 27.77
N MET G 39 -20.46 4.00 28.96
CA MET G 39 -20.74 4.89 30.07
C MET G 39 -19.44 5.63 30.42
N PHE G 40 -18.43 4.85 30.75
CA PHE G 40 -17.11 5.37 31.10
C PHE G 40 -16.59 6.29 30.00
N LYS G 41 -16.90 5.97 28.76
CA LYS G 41 -16.42 6.76 27.64
C LYS G 41 -17.16 8.08 27.45
N ASP G 42 -18.48 8.07 27.59
CA ASP G 42 -19.26 9.29 27.41
C ASP G 42 -18.84 10.33 28.47
N VAL G 43 -18.51 9.86 29.66
CA VAL G 43 -18.10 10.74 30.76
C VAL G 43 -16.66 11.28 30.69
N THR G 44 -15.67 10.38 30.66
CA THR G 44 -14.27 10.78 30.63
C THR G 44 -13.78 11.24 29.26
N GLY G 45 -14.33 10.67 28.20
CA GLY G 45 -13.88 11.02 26.87
C GLY G 45 -12.72 10.10 26.54
N HIS G 46 -12.55 9.06 27.36
CA HIS G 46 -11.48 8.08 27.21
C HIS G 46 -11.98 6.66 27.37
N ALA G 47 -11.33 5.73 26.67
CA ALA G 47 -11.65 4.31 26.72
C ALA G 47 -11.06 3.68 27.97
N ILE G 48 -11.90 3.10 28.83
CA ILE G 48 -11.38 2.50 30.06
C ILE G 48 -10.17 1.58 29.89
N GLY G 49 -10.14 0.82 28.80
CA GLY G 49 -9.03 -0.10 28.59
C GLY G 49 -7.73 0.60 28.23
N ALA G 50 -7.82 1.56 27.33
CA ALA G 50 -6.66 2.32 26.87
C ALA G 50 -6.21 3.34 27.91
N TYR G 51 -7.02 3.53 28.94
CA TYR G 51 -6.71 4.47 30.01
C TYR G 51 -6.02 3.74 31.15
N ILE G 52 -6.47 2.53 31.44
CA ILE G 52 -5.88 1.74 32.52
C ILE G 52 -4.44 1.38 32.17
N ARG G 53 -4.17 1.23 30.88
CA ARG G 53 -2.84 0.88 30.42
C ARG G 53 -1.91 2.08 30.46
N ALA G 54 -2.46 3.26 30.15
CA ALA G 54 -1.66 4.48 30.16
C ALA G 54 -1.30 4.76 31.61
N ARG G 55 -2.20 4.42 32.53
CA ARG G 55 -1.97 4.61 33.96
C ARG G 55 -0.78 3.76 34.40
N ARG G 56 -0.95 2.44 34.34
CA ARG G 56 0.12 1.54 34.74
C ARG G 56 1.45 1.95 34.13
N LEU G 57 1.52 2.02 32.81
CA LEU G 57 2.77 2.44 32.17
C LEU G 57 3.25 3.75 32.76
N SER G 58 2.32 4.61 33.14
CA SER G 58 2.69 5.88 33.73
C SER G 58 3.34 5.71 35.10
N LYS G 59 2.75 4.88 35.96
CA LYS G 59 3.32 4.62 37.29
C LYS G 59 4.71 4.02 37.09
N SER G 60 4.86 3.25 36.02
CA SER G 60 6.11 2.57 35.70
C SER G 60 7.23 3.49 35.32
N ALA G 61 6.89 4.56 34.60
CA ALA G 61 7.87 5.54 34.17
C ALA G 61 8.42 6.24 35.41
N VAL G 62 7.52 6.61 36.31
CA VAL G 62 7.90 7.26 37.54
C VAL G 62 8.75 6.34 38.40
N ALA G 63 8.37 5.08 38.48
CA ALA G 63 9.10 4.10 39.26
C ALA G 63 10.51 3.96 38.72
N LEU G 64 10.65 3.97 37.41
CA LEU G 64 11.97 3.83 36.78
C LEU G 64 12.87 5.02 37.03
N ARG G 65 12.29 6.13 37.48
CA ARG G 65 13.08 7.33 37.73
C ARG G 65 13.33 7.54 39.21
N LEU G 66 12.39 7.08 40.04
CA LEU G 66 12.47 7.27 41.49
C LEU G 66 12.97 6.10 42.33
N THR G 67 12.87 4.88 41.81
CA THR G 67 13.32 3.73 42.60
C THR G 67 14.49 3.05 41.92
N ALA G 68 15.12 2.12 42.62
CA ALA G 68 16.26 1.40 42.12
C ALA G 68 15.93 -0.05 41.74
N ARG G 69 14.64 -0.39 41.77
CA ARG G 69 14.24 -1.75 41.44
C ARG G 69 14.51 -2.15 39.99
N PRO G 70 14.71 -3.46 39.76
CA PRO G 70 14.97 -4.01 38.43
C PRO G 70 13.79 -3.84 37.49
N ILE G 71 14.08 -3.48 36.24
CA ILE G 71 13.02 -3.26 35.26
C ILE G 71 11.98 -4.39 35.20
N LEU G 72 12.36 -5.61 35.59
CA LEU G 72 11.41 -6.71 35.54
C LEU G 72 10.42 -6.70 36.70
N ASP G 73 10.85 -6.20 37.85
CA ASP G 73 9.97 -6.14 39.04
C ASP G 73 8.84 -5.17 38.79
N ILE G 74 9.17 -4.03 38.23
CA ILE G 74 8.15 -3.02 37.96
C ILE G 74 7.15 -3.54 36.95
N ALA G 75 7.64 -4.02 35.82
CA ALA G 75 6.76 -4.56 34.81
C ALA G 75 5.83 -5.59 35.45
N LEU G 76 6.36 -6.43 36.31
CA LEU G 76 5.52 -7.42 36.96
C LEU G 76 4.51 -6.76 37.91
N GLN G 77 4.99 -5.91 38.79
CA GLN G 77 4.10 -5.24 39.75
C GLN G 77 2.84 -4.61 39.15
N TYR G 78 2.98 -3.97 38.00
CA TYR G 78 1.82 -3.37 37.39
C TYR G 78 1.15 -4.32 36.40
N ARG G 79 0.98 -5.54 36.87
CA ARG G 79 0.33 -6.62 36.15
C ARG G 79 0.67 -6.85 34.68
N PHE G 80 1.89 -6.50 34.26
CA PHE G 80 2.24 -6.76 32.88
C PHE G 80 2.64 -8.23 32.79
N ASP G 81 2.71 -8.76 31.58
CA ASP G 81 3.05 -10.16 31.41
C ASP G 81 4.54 -10.47 31.56
N SER G 82 5.36 -9.90 30.68
CA SER G 82 6.80 -10.13 30.74
C SER G 82 7.53 -8.86 30.35
N GLN G 83 8.86 -8.88 30.43
CA GLN G 83 9.64 -7.71 30.07
C GLN G 83 9.39 -7.27 28.64
N GLN G 84 9.08 -8.23 27.77
CA GLN G 84 8.82 -7.90 26.37
C GLN G 84 7.44 -7.29 26.19
N THR G 85 6.43 -7.88 26.83
CA THR G 85 5.09 -7.34 26.73
C THR G 85 5.19 -5.89 27.16
N PHE G 86 5.72 -5.70 28.38
CA PHE G 86 5.90 -4.38 28.96
C PHE G 86 6.72 -3.46 28.08
N THR G 87 7.91 -3.91 27.69
CA THR G 87 8.78 -3.08 26.87
C THR G 87 8.18 -2.63 25.55
N ARG G 88 7.47 -3.53 24.86
CA ARG G 88 6.85 -3.14 23.60
C ARG G 88 5.93 -1.97 23.93
N ALA G 89 4.98 -2.22 24.83
CA ALA G 89 4.02 -1.20 25.26
C ALA G 89 4.71 0.09 25.68
N PHE G 90 5.68 -0.02 26.57
CA PHE G 90 6.41 1.14 27.05
C PHE G 90 6.97 1.93 25.88
N LYS G 91 7.41 1.24 24.84
CA LYS G 91 7.97 1.94 23.69
C LYS G 91 6.91 2.76 22.97
N LYS G 92 5.69 2.22 22.85
CA LYS G 92 4.60 2.91 22.18
C LYS G 92 4.24 4.23 22.86
N GLN G 93 4.25 4.21 24.20
CA GLN G 93 3.86 5.38 24.96
C GLN G 93 4.90 6.46 25.20
N PHE G 94 6.19 6.11 25.14
CA PHE G 94 7.21 7.11 25.42
C PHE G 94 8.28 7.32 24.36
N ALA G 95 8.27 6.49 23.33
CA ALA G 95 9.25 6.60 22.25
C ALA G 95 10.66 6.29 22.74
N GLN G 96 10.76 5.33 23.65
CA GLN G 96 12.06 4.97 24.17
C GLN G 96 11.93 3.72 25.00
N THR G 97 13.02 2.97 25.13
CA THR G 97 13.01 1.75 25.92
C THR G 97 13.03 2.11 27.41
N PRO G 98 12.46 1.25 28.27
CA PRO G 98 12.48 1.59 29.68
C PRO G 98 13.92 1.76 30.17
N ALA G 99 14.83 0.99 29.60
CA ALA G 99 16.23 1.07 29.98
C ALA G 99 16.83 2.45 29.73
N LEU G 100 16.59 3.02 28.55
CA LEU G 100 17.14 4.34 28.21
C LEU G 100 16.37 5.49 28.85
N TYR G 101 15.14 5.20 29.25
CA TYR G 101 14.26 6.18 29.89
C TYR G 101 14.80 6.49 31.28
N ARG G 102 15.15 5.44 32.01
CA ARG G 102 15.69 5.56 33.36
C ARG G 102 17.06 6.22 33.37
N ARG G 103 17.87 5.85 32.38
CA ARG G 103 19.23 6.33 32.20
C ARG G 103 19.34 7.79 31.80
N SER G 104 18.34 8.29 31.09
CA SER G 104 18.37 9.68 30.64
C SER G 104 18.57 10.70 31.75
N PRO G 105 19.52 11.61 31.55
CA PRO G 105 19.85 12.68 32.49
C PRO G 105 18.60 13.51 32.77
N GLU G 106 18.02 14.05 31.71
CA GLU G 106 16.82 14.89 31.78
C GLU G 106 15.56 14.00 31.79
N TRP G 107 14.43 14.60 32.17
CA TRP G 107 13.17 13.89 32.22
C TRP G 107 12.01 14.86 31.95
N SER G 108 11.08 14.44 31.09
CA SER G 108 9.90 15.26 30.76
C SER G 108 8.71 14.32 30.87
N ALA G 109 7.52 14.87 30.99
CA ALA G 109 6.33 14.04 31.10
C ALA G 109 5.73 13.76 29.71
N PHE G 110 6.58 13.38 28.75
CA PHE G 110 6.14 13.11 27.42
C PHE G 110 4.86 12.30 27.32
N GLY G 111 4.99 10.97 27.38
CA GLY G 111 3.81 10.14 27.24
C GLY G 111 3.11 9.87 28.56
N ILE G 112 3.35 10.73 29.55
CA ILE G 112 2.73 10.54 30.85
C ILE G 112 1.26 10.94 30.90
N ARG G 113 0.41 9.96 31.20
CA ARG G 113 -1.03 10.15 31.30
C ARG G 113 -1.45 10.28 32.76
N PRO G 114 -1.71 11.51 33.22
CA PRO G 114 -2.12 11.79 34.59
C PRO G 114 -3.47 11.17 34.93
N PRO G 115 -3.68 10.77 36.19
CA PRO G 115 -4.96 10.17 36.56
C PRO G 115 -6.08 11.18 36.37
N LEU G 116 -7.23 10.74 35.87
CA LEU G 116 -8.37 11.61 35.63
C LEU G 116 -8.99 12.20 36.90
N ARG G 117 -9.40 13.46 36.81
CA ARG G 117 -10.00 14.16 37.93
C ARG G 117 -11.44 14.57 37.57
N LEU G 118 -12.41 13.74 37.92
CA LEU G 118 -13.80 14.05 37.61
C LEU G 118 -14.29 15.24 38.42
N GLY G 119 -14.26 15.09 39.73
CA GLY G 119 -14.69 16.15 40.62
C GLY G 119 -13.90 17.44 40.51
N GLU G 120 -13.45 17.94 41.65
CA GLU G 120 -12.71 19.19 41.71
C GLU G 120 -11.32 19.00 42.32
N PHE G 121 -10.33 18.78 41.46
CA PHE G 121 -8.95 18.58 41.89
C PHE G 121 -8.30 19.91 42.28
N THR G 122 -7.77 19.97 43.49
CA THR G 122 -7.09 21.19 43.97
C THR G 122 -5.60 20.98 43.81
N MET G 123 -5.04 21.41 42.68
CA MET G 123 -3.62 21.23 42.42
C MET G 123 -2.72 21.87 43.47
N PRO G 124 -1.60 21.22 43.79
CA PRO G 124 -0.68 21.76 44.78
C PRO G 124 -0.11 23.08 44.28
N GLU G 125 0.13 24.00 45.21
CA GLU G 125 0.69 25.31 44.92
C GLU G 125 2.13 25.14 44.41
N HIS G 126 2.61 26.03 43.55
CA HIS G 126 3.98 25.96 43.08
C HIS G 126 4.60 27.34 42.96
N LYS G 127 5.89 27.39 42.66
CA LYS G 127 6.58 28.66 42.59
C LYS G 127 7.92 28.30 41.97
N PHE G 128 8.50 29.17 41.16
CA PHE G 128 9.80 28.84 40.59
C PHE G 128 10.80 29.61 41.40
N VAL G 129 11.86 28.92 41.81
CA VAL G 129 12.84 29.56 42.64
C VAL G 129 14.24 29.26 42.17
N THR G 130 15.17 30.07 42.63
CA THR G 130 16.54 29.86 42.25
C THR G 130 17.30 29.76 43.54
N LEU G 131 17.99 28.64 43.68
CA LEU G 131 18.76 28.37 44.88
C LEU G 131 20.22 28.55 44.56
N GLU G 132 20.97 28.99 45.56
CA GLU G 132 22.39 29.19 45.41
C GLU G 132 23.08 28.03 46.10
N ASP G 133 24.31 27.72 45.71
CA ASP G 133 25.03 26.63 46.33
C ASP G 133 25.10 26.83 47.84
N THR G 134 24.77 25.77 48.59
CA THR G 134 24.76 25.83 50.03
C THR G 134 25.43 24.62 50.67
N PRO G 135 26.28 24.86 51.66
CA PRO G 135 26.96 23.75 52.31
C PRO G 135 26.07 23.17 53.39
N LEU G 136 26.04 21.85 53.47
CA LEU G 136 25.27 21.13 54.46
C LEU G 136 26.14 20.00 54.96
N ILE G 137 25.83 19.52 56.16
CA ILE G 137 26.53 18.38 56.75
C ILE G 137 25.47 17.27 56.90
N GLY G 138 25.72 16.10 56.34
CA GLY G 138 24.71 15.07 56.50
C GLY G 138 25.08 13.62 56.26
N VAL G 139 24.07 12.76 56.35
CA VAL G 139 24.25 11.34 56.14
C VAL G 139 23.54 10.94 54.88
N THR G 140 24.10 10.00 54.15
CA THR G 140 23.50 9.61 52.91
C THR G 140 23.50 8.11 52.69
N GLN G 141 22.35 7.54 52.37
CA GLN G 141 22.34 6.13 52.12
C GLN G 141 21.60 5.69 50.87
N SER G 142 22.08 4.60 50.30
CA SER G 142 21.50 3.99 49.11
C SER G 142 20.33 3.15 49.59
N TYR G 143 19.18 3.25 48.94
CA TYR G 143 18.03 2.45 49.34
C TYR G 143 17.29 1.91 48.15
N SER G 144 16.57 0.82 48.36
CA SER G 144 15.79 0.18 47.31
C SER G 144 14.40 -0.19 47.82
N CYS G 145 13.39 0.52 47.34
CA CYS G 145 12.02 0.28 47.75
C CYS G 145 11.10 0.54 46.55
N SER G 146 9.80 0.33 46.75
CA SER G 146 8.84 0.54 45.68
C SER G 146 8.24 1.95 45.75
N LEU G 147 7.73 2.40 44.60
CA LEU G 147 7.12 3.71 44.44
C LEU G 147 6.16 4.05 45.57
N GLU G 148 5.41 3.06 46.03
CA GLU G 148 4.43 3.23 47.10
C GLU G 148 5.03 3.30 48.49
N GLN G 149 6.32 3.00 48.62
CA GLN G 149 6.97 3.04 49.94
C GLN G 149 7.93 4.21 50.14
N ILE G 150 8.25 4.94 49.06
CA ILE G 150 9.16 6.08 49.11
C ILE G 150 8.98 6.91 50.37
N SER G 151 7.81 7.51 50.48
CA SER G 151 7.51 8.32 51.63
C SER G 151 7.95 7.67 52.94
N ASP G 152 7.50 6.45 53.22
CA ASP G 152 7.88 5.80 54.48
C ASP G 152 9.39 5.61 54.64
N PHE G 153 10.01 4.99 53.63
CA PHE G 153 11.44 4.74 53.69
C PHE G 153 12.21 6.00 54.03
N ARG G 154 11.83 7.10 53.38
CA ARG G 154 12.48 8.37 53.61
C ARG G 154 12.19 8.85 55.01
N HIS G 155 10.92 8.78 55.40
CA HIS G 155 10.55 9.24 56.73
C HIS G 155 11.40 8.56 57.79
N GLU G 156 11.79 7.31 57.54
CA GLU G 156 12.61 6.55 58.48
C GLU G 156 14.05 7.03 58.52
N MET G 157 14.66 7.20 57.35
CA MET G 157 16.03 7.69 57.27
C MET G 157 16.16 9.04 57.97
N ARG G 158 15.14 9.88 57.81
CA ARG G 158 15.14 11.19 58.45
C ARG G 158 15.09 11.04 59.95
N TYR G 159 14.08 10.29 60.41
CA TYR G 159 13.88 10.05 61.84
C TYR G 159 15.17 9.65 62.57
N GLN G 160 15.88 8.67 62.01
CA GLN G 160 17.11 8.23 62.62
C GLN G 160 17.99 9.45 62.82
N PHE G 161 18.46 9.98 61.70
CA PHE G 161 19.33 11.15 61.70
C PHE G 161 18.88 12.21 62.69
N TRP G 162 17.66 12.69 62.48
CA TRP G 162 17.12 13.73 63.30
C TRP G 162 17.20 13.42 64.79
N HIS G 163 16.58 12.33 65.21
CA HIS G 163 16.61 11.99 66.62
C HIS G 163 17.97 11.71 67.18
N ASP G 164 18.87 11.15 66.39
CA ASP G 164 20.20 10.91 66.92
C ASP G 164 20.83 12.27 67.06
N PHE G 165 20.55 13.11 66.08
CA PHE G 165 21.08 14.45 66.06
C PHE G 165 20.66 15.23 67.31
N LEU G 166 19.36 15.21 67.61
CA LEU G 166 18.81 15.93 68.76
C LEU G 166 19.29 15.41 70.13
N GLY G 167 20.09 14.35 70.11
CA GLY G 167 20.59 13.81 71.36
C GLY G 167 21.69 14.67 71.96
N ASN G 168 22.43 15.36 71.10
CA ASN G 168 23.52 16.22 71.56
C ASN G 168 23.38 17.66 71.17
N ALA G 169 22.18 18.10 70.82
CA ALA G 169 22.02 19.49 70.37
C ALA G 169 21.30 20.47 71.29
N PRO G 170 22.00 21.54 71.68
CA PRO G 170 21.42 22.56 72.56
C PRO G 170 20.29 23.33 71.89
N THR G 171 20.38 23.57 70.59
CA THR G 171 19.31 24.28 69.88
C THR G 171 18.75 23.45 68.75
N ILE G 172 17.51 23.73 68.36
CA ILE G 172 16.87 22.99 67.28
C ILE G 172 17.07 23.64 65.91
N PRO G 173 17.56 22.88 64.92
CA PRO G 173 17.77 23.43 63.58
C PRO G 173 16.41 23.83 63.05
N PRO G 174 16.32 24.98 62.36
CA PRO G 174 15.04 25.45 61.82
C PRO G 174 14.59 24.69 60.59
N VAL G 175 15.54 24.02 59.93
CA VAL G 175 15.21 23.30 58.70
C VAL G 175 15.89 21.95 58.58
N LEU G 176 15.15 20.91 58.18
CA LEU G 176 15.74 19.59 58.02
C LEU G 176 15.63 19.26 56.53
N TYR G 177 16.74 18.85 55.91
CA TYR G 177 16.80 18.55 54.48
C TYR G 177 16.86 17.12 54.04
N GLY G 178 16.10 16.82 52.99
CA GLY G 178 16.10 15.49 52.41
C GLY G 178 16.52 15.70 50.97
N LEU G 179 17.52 14.96 50.50
CA LEU G 179 18.03 15.13 49.15
C LEU G 179 18.05 13.83 48.40
N ASN G 180 17.24 13.72 47.36
CA ASN G 180 17.20 12.49 46.57
C ASN G 180 18.01 12.64 45.32
N GLU G 181 18.84 11.65 45.04
CA GLU G 181 19.68 11.67 43.85
C GLU G 181 19.71 10.27 43.26
N THR G 182 20.07 10.16 41.99
CA THR G 182 20.15 8.86 41.34
C THR G 182 21.50 8.70 40.69
N ARG G 183 21.96 7.45 40.61
CA ARG G 183 23.24 7.15 39.97
C ARG G 183 23.10 5.91 39.10
N PRO G 184 23.40 6.05 37.80
CA PRO G 184 23.33 5.00 36.78
C PRO G 184 24.40 3.93 36.99
N SER G 185 23.99 2.69 37.17
CA SER G 185 24.96 1.60 37.35
C SER G 185 25.95 1.62 36.19
N GLN G 186 27.08 0.94 36.34
CA GLN G 186 28.10 0.90 35.30
C GLN G 186 28.00 -0.34 34.42
N ASP G 187 27.52 -1.43 34.99
CA ASP G 187 27.36 -2.70 34.29
C ASP G 187 26.27 -2.58 33.22
N LYS G 188 25.15 -3.26 33.45
CA LYS G 188 24.02 -3.21 32.53
C LYS G 188 23.33 -1.89 32.84
N ASP G 189 23.29 -0.97 31.89
CA ASP G 189 22.67 0.31 32.19
C ASP G 189 21.14 0.26 32.17
N ASP G 190 20.61 -0.71 32.90
CA ASP G 190 19.17 -0.89 33.07
C ASP G 190 18.95 -0.72 34.58
N GLU G 191 20.02 -0.96 35.34
CA GLU G 191 19.98 -0.83 36.80
C GLU G 191 20.38 0.60 37.19
N GLN G 192 20.12 0.95 38.44
CA GLN G 192 20.43 2.28 38.93
C GLN G 192 20.37 2.35 40.46
N GLU G 193 21.05 3.35 41.02
CA GLU G 193 21.05 3.55 42.46
C GLU G 193 20.35 4.84 42.83
N VAL G 194 19.69 4.83 43.98
CA VAL G 194 18.96 5.95 44.49
C VAL G 194 19.49 6.24 45.89
N PHE G 195 19.87 7.48 46.13
CA PHE G 195 20.40 7.84 47.44
C PHE G 195 19.57 8.93 48.09
N TYR G 196 19.45 8.86 49.42
CA TYR G 196 18.74 9.88 50.17
C TYR G 196 19.76 10.48 51.10
N THR G 197 19.72 11.80 51.25
CA THR G 197 20.65 12.49 52.12
C THR G 197 19.85 13.33 53.09
N THR G 198 20.12 13.14 54.37
CA THR G 198 19.44 13.89 55.43
C THR G 198 20.55 14.85 55.83
N ALA G 199 20.25 16.14 55.91
CA ALA G 199 21.29 17.11 56.23
C ALA G 199 20.82 18.33 56.92
N LEU G 200 21.76 19.07 57.45
CA LEU G 200 21.41 20.28 58.18
C LEU G 200 22.25 21.37 57.61
N ALA G 201 21.71 22.57 57.61
CA ALA G 201 22.47 23.69 57.09
C ALA G 201 22.99 24.48 58.25
N GLN G 202 23.98 25.30 57.97
CA GLN G 202 24.56 26.16 58.98
C GLN G 202 23.47 27.13 59.37
N ASP G 203 23.33 27.37 60.66
CA ASP G 203 22.34 28.33 61.13
C ASP G 203 23.11 29.39 61.90
N GLN G 204 22.40 30.25 62.61
CA GLN G 204 23.06 31.29 63.38
C GLN G 204 23.40 30.82 64.80
N ALA G 205 23.40 29.50 65.04
CA ALA G 205 23.71 28.98 66.37
C ALA G 205 25.05 28.25 66.46
N ASP G 206 26.11 29.03 66.51
CA ASP G 206 27.50 28.57 66.59
C ASP G 206 27.83 27.17 66.07
N GLY G 207 27.77 26.17 66.95
CA GLY G 207 28.12 24.83 66.50
C GLY G 207 27.13 23.69 66.69
N TYR G 208 27.53 22.55 66.13
CA TYR G 208 26.76 21.30 66.18
C TYR G 208 27.75 20.16 66.16
N VAL G 209 27.39 19.06 66.82
CA VAL G 209 28.23 17.88 66.85
C VAL G 209 27.57 16.90 65.90
N LEU G 210 27.84 17.07 64.63
CA LEU G 210 27.25 16.23 63.60
C LEU G 210 28.13 15.06 63.23
N THR G 211 27.49 14.03 62.69
CA THR G 211 28.21 12.85 62.25
C THR G 211 27.86 12.75 60.77
N GLY G 212 28.87 12.62 59.92
CA GLY G 212 28.61 12.51 58.49
C GLY G 212 29.68 13.11 57.62
N HIS G 213 29.27 13.83 56.59
CA HIS G 213 30.21 14.47 55.69
C HIS G 213 29.61 15.74 55.11
N PRO G 214 30.45 16.59 54.51
CA PRO G 214 30.01 17.85 53.92
C PRO G 214 29.21 17.56 52.66
N VAL G 215 28.04 18.19 52.54
CA VAL G 215 27.19 17.98 51.36
C VAL G 215 26.79 19.30 50.73
N MET G 216 26.96 19.36 49.42
CA MET G 216 26.61 20.57 48.68
C MET G 216 25.21 20.53 48.12
N LEU G 217 24.36 21.41 48.63
CA LEU G 217 23.00 21.56 48.12
C LEU G 217 23.23 22.37 46.83
N GLN G 218 23.00 21.73 45.67
CA GLN G 218 23.22 22.36 44.36
C GLN G 218 22.33 23.55 44.02
N GLY G 219 22.96 24.61 43.54
CA GLY G 219 22.21 25.79 43.14
C GLY G 219 21.55 25.59 41.78
N GLY G 220 20.62 26.49 41.43
CA GLY G 220 19.95 26.35 40.16
C GLY G 220 18.50 26.77 40.17
N GLU G 221 17.80 26.35 39.12
CA GLU G 221 16.41 26.70 38.98
C GLU G 221 15.55 25.53 39.40
N TYR G 222 14.52 25.86 40.16
CA TYR G 222 13.65 24.84 40.68
C TYR G 222 12.20 25.27 40.69
N VAL G 223 11.33 24.25 40.82
CA VAL G 223 9.90 24.43 40.98
C VAL G 223 9.74 24.01 42.45
N MET G 224 8.97 24.75 43.22
CA MET G 224 8.77 24.39 44.60
C MET G 224 7.30 24.15 44.89
N PHE G 225 6.93 22.92 45.20
CA PHE G 225 5.56 22.66 45.56
C PHE G 225 5.58 22.64 47.07
N THR G 226 4.55 23.18 47.72
CA THR G 226 4.52 23.19 49.17
C THR G 226 3.32 22.37 49.65
N TYR G 227 3.45 21.82 50.85
CA TYR G 227 2.42 20.97 51.41
C TYR G 227 2.13 21.22 52.87
N GLU G 228 0.84 21.23 53.21
CA GLU G 228 0.40 21.42 54.59
C GLU G 228 -0.61 20.34 54.89
N GLY G 229 -0.31 19.49 55.86
CA GLY G 229 -1.22 18.42 56.22
C GLY G 229 -0.58 17.27 56.97
N LEU G 230 -1.32 16.18 57.07
CA LEU G 230 -0.87 14.98 57.76
C LEU G 230 0.33 14.36 57.06
N GLY G 231 1.31 13.94 57.83
CA GLY G 231 2.50 13.33 57.26
C GLY G 231 2.13 12.10 56.47
N THR G 232 0.95 11.57 56.76
CA THR G 232 0.45 10.40 56.06
C THR G 232 0.00 10.84 54.68
N GLY G 233 -0.10 12.16 54.52
CA GLY G 233 -0.51 12.71 53.24
C GLY G 233 0.67 13.03 52.33
N VAL G 234 1.88 12.70 52.76
CA VAL G 234 3.04 12.99 51.94
C VAL G 234 3.17 12.13 50.68
N GLN G 235 2.89 10.84 50.78
CA GLN G 235 2.98 9.93 49.62
C GLN G 235 2.21 10.47 48.42
N GLU G 236 0.94 10.77 48.65
CA GLU G 236 0.06 11.31 47.63
C GLU G 236 0.72 12.55 47.05
N PHE G 237 1.22 13.42 47.92
CA PHE G 237 1.86 14.67 47.52
C PHE G 237 3.01 14.47 46.53
N ILE G 238 3.90 13.54 46.83
CA ILE G 238 5.01 13.30 45.91
C ILE G 238 4.47 12.75 44.58
N LEU G 239 3.49 11.86 44.64
CA LEU G 239 2.94 11.29 43.42
C LEU G 239 2.21 12.34 42.59
N THR G 240 1.35 13.15 43.21
CA THR G 240 0.66 14.13 42.41
C THR G 240 1.67 15.08 41.78
N VAL G 241 2.82 15.27 42.45
CA VAL G 241 3.81 16.19 41.91
C VAL G 241 4.51 15.59 40.72
N TYR G 242 4.93 14.34 40.86
CA TYR G 242 5.63 13.67 39.79
C TYR G 242 4.68 13.15 38.71
N GLY G 243 3.54 12.65 39.16
CA GLY G 243 2.56 12.08 38.25
C GLY G 243 1.58 13.02 37.60
N THR G 244 1.40 14.22 38.15
CA THR G 244 0.43 15.13 37.53
C THR G 244 0.77 16.63 37.45
N CYS G 245 1.57 17.15 38.37
CA CYS G 245 1.95 18.57 38.31
C CYS G 245 3.07 18.83 37.30
N MET G 246 4.01 17.90 37.21
CA MET G 246 5.10 18.04 36.26
C MET G 246 4.54 18.02 34.84
N PRO G 247 3.74 17.01 34.50
CA PRO G 247 3.16 16.95 33.14
C PRO G 247 2.31 18.17 32.82
N MET G 248 1.41 18.53 33.72
CA MET G 248 0.55 19.68 33.52
C MET G 248 1.37 20.95 33.24
N LEU G 249 2.49 21.11 33.96
CA LEU G 249 3.36 22.28 33.77
C LEU G 249 4.28 22.11 32.56
N ASN G 250 4.26 20.94 31.96
CA ASN G 250 5.12 20.66 30.81
C ASN G 250 6.56 21.08 31.09
N LEU G 251 7.09 20.63 32.23
CA LEU G 251 8.45 20.96 32.63
C LEU G 251 9.42 19.82 32.41
N THR G 252 10.69 20.17 32.27
CA THR G 252 11.76 19.19 32.09
C THR G 252 12.70 19.24 33.30
N ARG G 253 12.89 18.09 33.93
CA ARG G 253 13.76 17.98 35.10
C ARG G 253 15.21 17.77 34.68
N ARG G 254 16.10 18.62 35.16
CA ARG G 254 17.50 18.43 34.81
C ARG G 254 18.15 17.46 35.77
N LYS G 255 19.30 16.94 35.36
CA LYS G 255 20.06 16.05 36.21
C LYS G 255 20.36 16.92 37.43
N GLY G 256 20.04 16.42 38.61
CA GLY G 256 20.29 17.18 39.81
C GLY G 256 19.58 16.48 40.95
N GLN G 257 19.47 17.13 42.09
CA GLN G 257 18.84 16.47 43.20
C GLN G 257 17.45 16.99 43.60
N ASP G 258 16.57 16.07 44.02
CA ASP G 258 15.26 16.48 44.50
C ASP G 258 15.53 16.93 45.92
N ILE G 259 14.89 18.00 46.34
CA ILE G 259 15.16 18.54 47.64
C ILE G 259 13.91 18.73 48.44
N GLU G 260 13.80 17.99 49.54
CA GLU G 260 12.66 18.13 50.41
C GLU G 260 13.18 18.97 51.58
N ARG G 261 12.33 19.84 52.12
CA ARG G 261 12.68 20.69 53.24
C ARG G 261 11.60 20.49 54.28
N TYR G 262 11.97 20.05 55.49
CA TYR G 262 10.96 19.90 56.53
C TYR G 262 11.22 20.88 57.62
N TYR G 263 10.16 21.31 58.27
CA TYR G 263 10.28 22.25 59.38
C TYR G 263 9.66 21.49 60.55
N PRO G 264 10.36 20.43 61.01
CA PRO G 264 9.99 19.55 62.10
C PRO G 264 10.15 20.17 63.48
N ALA G 265 10.76 21.35 63.51
CA ALA G 265 10.98 22.05 64.78
C ALA G 265 9.64 22.49 65.36
N GLU G 266 8.59 22.40 64.55
CA GLU G 266 7.24 22.78 64.96
C GLU G 266 6.21 21.67 64.76
N ASP G 267 6.29 20.61 65.56
CA ASP G 267 5.34 19.51 65.44
C ASP G 267 4.78 19.10 66.80
N ASP G 272 -2.92 14.86 71.04
CA ASP G 272 -1.70 14.62 70.21
C ASP G 272 -2.01 13.79 68.97
N ARG G 273 -3.18 14.00 68.38
CA ARG G 273 -3.58 13.27 67.18
C ARG G 273 -2.45 13.41 66.16
N PRO G 274 -2.48 12.62 65.06
CA PRO G 274 -1.40 12.76 64.07
C PRO G 274 -1.23 14.23 63.64
N ILE G 275 -0.10 14.82 64.04
CA ILE G 275 0.24 16.22 63.74
C ILE G 275 0.23 16.62 62.25
N ASN G 276 0.02 17.90 61.99
CA ASN G 276 0.01 18.42 60.63
C ASN G 276 1.32 19.14 60.32
N LEU G 277 2.21 18.47 59.61
CA LEU G 277 3.50 19.04 59.26
C LEU G 277 3.44 19.92 57.99
N ARG G 278 4.58 20.49 57.64
CA ARG G 278 4.68 21.37 56.48
C ARG G 278 6.03 21.17 55.81
N CYS G 279 6.02 20.84 54.53
CA CYS G 279 7.29 20.68 53.84
C CYS G 279 7.22 21.15 52.39
N GLU G 280 8.39 21.36 51.80
CA GLU G 280 8.47 21.81 50.44
C GLU G 280 9.31 20.86 49.62
N LEU G 281 8.81 20.54 48.45
CA LEU G 281 9.53 19.66 47.56
C LEU G 281 9.99 20.54 46.39
N LEU G 282 11.26 20.44 46.02
CA LEU G 282 11.81 21.25 44.94
C LEU G 282 12.39 20.35 43.87
N ILE G 283 11.93 20.50 42.64
CA ILE G 283 12.47 19.68 41.58
C ILE G 283 13.37 20.57 40.73
N PRO G 284 14.56 20.07 40.36
CA PRO G 284 15.52 20.83 39.55
C PRO G 284 14.98 20.95 38.13
N ILE G 285 14.71 22.20 37.76
CA ILE G 285 14.09 22.49 36.49
C ILE G 285 14.91 23.26 35.48
N ARG G 286 14.50 23.12 34.23
CA ARG G 286 15.12 23.83 33.11
C ARG G 286 13.92 24.21 32.23
N ARG G 287 13.40 25.42 32.46
CA ARG G 287 12.25 25.92 31.72
C ARG G 287 12.59 26.17 30.25
N LYS G 288 11.64 25.87 29.37
CA LYS G 288 11.84 26.07 27.93
C LYS G 288 11.59 27.53 27.53
N LEU G 289 12.30 27.97 26.50
CA LEU G 289 12.15 29.33 25.98
C LEU G 289 11.01 29.32 24.98
N ALA G 290 10.07 30.25 25.11
CA ALA G 290 8.94 30.34 24.18
C ALA G 290 9.42 30.88 22.83
N ALA G 291 8.69 30.56 21.76
CA ALA G 291 9.07 31.04 20.44
C ALA G 291 8.39 32.36 20.12
N ALA G 292 9.03 33.14 19.24
CA ALA G 292 8.49 34.43 18.83
C ALA G 292 6.99 34.29 18.53
N GLN H 1 -21.48 8.13 -23.80
CA GLN H 1 -22.33 6.93 -24.06
C GLN H 1 -21.59 5.91 -24.91
N ALA H 2 -21.95 4.64 -24.73
CA ALA H 2 -21.34 3.54 -25.46
C ALA H 2 -21.34 3.77 -26.98
N GLY H 3 -22.24 4.61 -27.45
CA GLY H 3 -22.33 4.87 -28.87
C GLY H 3 -21.22 5.76 -29.38
N ILE H 4 -20.68 6.58 -28.49
CA ILE H 4 -19.60 7.49 -28.87
C ILE H 4 -18.33 6.73 -29.22
N ILE H 5 -17.97 5.76 -28.38
CA ILE H 5 -16.78 4.94 -28.60
C ILE H 5 -16.99 3.97 -29.76
N ARG H 6 -18.25 3.64 -30.01
CA ARG H 6 -18.64 2.73 -31.08
C ARG H 6 -18.18 3.26 -32.43
N ASP H 7 -18.40 4.55 -32.65
CA ASP H 7 -18.03 5.20 -33.90
C ASP H 7 -16.52 5.42 -34.00
N LEU H 8 -15.89 5.75 -32.88
CA LEU H 8 -14.45 5.99 -32.84
C LEU H 8 -13.68 4.71 -33.18
N LEU H 9 -14.00 3.62 -32.50
CA LEU H 9 -13.33 2.34 -32.75
C LEU H 9 -13.28 2.04 -34.24
N ILE H 10 -14.39 2.31 -34.93
CA ILE H 10 -14.46 2.08 -36.37
C ILE H 10 -13.43 2.96 -37.05
N TRP H 11 -13.39 4.24 -36.67
CA TRP H 11 -12.44 5.18 -37.26
C TRP H 11 -11.02 4.74 -36.94
N LEU H 12 -10.78 4.37 -35.69
CA LEU H 12 -9.46 3.92 -35.27
C LEU H 12 -8.98 2.82 -36.20
N GLU H 13 -9.68 1.69 -36.16
CA GLU H 13 -9.35 0.54 -36.96
C GLU H 13 -9.03 0.84 -38.43
N GLY H 14 -9.63 1.89 -38.96
CA GLY H 14 -9.38 2.25 -40.33
C GLY H 14 -8.36 3.36 -40.48
N HIS H 15 -7.53 3.56 -39.47
CA HIS H 15 -6.54 4.62 -39.52
C HIS H 15 -5.27 4.33 -38.71
N LEU H 16 -5.20 3.14 -38.13
CA LEU H 16 -4.02 2.75 -37.38
C LEU H 16 -2.92 2.82 -38.41
N ASP H 17 -3.38 2.67 -39.66
CA ASP H 17 -2.54 2.67 -40.82
C ASP H 17 -1.67 3.92 -40.95
N GLN H 18 -2.01 4.77 -41.91
CA GLN H 18 -1.26 5.98 -42.18
C GLN H 18 -1.39 7.12 -41.15
N PRO H 19 -2.59 7.75 -41.05
CA PRO H 19 -2.76 8.85 -40.08
C PRO H 19 -2.19 8.59 -38.67
N LEU H 20 -1.54 9.59 -38.10
CA LEU H 20 -0.95 9.47 -36.77
C LEU H 20 -2.01 9.81 -35.72
N SER H 21 -1.75 9.46 -34.46
CA SER H 21 -2.71 9.74 -33.40
C SER H 21 -2.29 9.31 -31.99
N LEU H 22 -2.53 10.18 -31.02
CA LEU H 22 -2.24 9.94 -29.60
C LEU H 22 -3.40 10.55 -28.79
N ASP H 23 -3.26 10.60 -27.47
CA ASP H 23 -4.30 11.16 -26.60
C ASP H 23 -4.69 12.60 -26.94
N ASN H 24 -3.96 13.22 -27.87
CA ASN H 24 -4.23 14.59 -28.30
C ASN H 24 -4.92 14.59 -29.65
N VAL H 25 -4.35 13.85 -30.60
CA VAL H 25 -4.95 13.76 -31.92
C VAL H 25 -6.24 12.97 -31.81
N ALA H 26 -6.27 12.01 -30.89
CA ALA H 26 -7.46 11.19 -30.67
C ALA H 26 -8.58 11.99 -30.04
N ALA H 27 -8.21 13.08 -29.35
CA ALA H 27 -9.19 13.94 -28.69
C ALA H 27 -9.82 14.88 -29.73
N LYS H 28 -9.41 14.71 -30.98
CA LYS H 28 -9.93 15.51 -32.07
C LYS H 28 -11.22 14.90 -32.57
N ALA H 29 -11.97 14.32 -31.63
CA ALA H 29 -13.24 13.69 -31.94
C ALA H 29 -14.30 14.29 -31.01
N GLY H 30 -13.98 15.47 -30.47
CA GLY H 30 -14.90 16.16 -29.57
C GLY H 30 -14.27 16.52 -28.24
N TYR H 31 -14.60 15.71 -27.22
CA TYR H 31 -14.12 15.90 -25.85
C TYR H 31 -12.61 16.07 -25.69
N SER H 32 -12.18 16.45 -24.49
CA SER H 32 -10.76 16.66 -24.21
C SER H 32 -10.10 15.33 -23.86
N LYS H 33 -8.79 15.27 -24.05
CA LYS H 33 -8.00 14.08 -23.77
C LYS H 33 -8.39 13.36 -22.47
N TRP H 34 -8.24 14.05 -21.34
CA TRP H 34 -8.56 13.49 -20.02
C TRP H 34 -9.94 12.87 -19.87
N HIS H 35 -10.97 13.56 -20.35
CA HIS H 35 -12.32 13.04 -20.23
C HIS H 35 -12.51 11.86 -21.19
N LEU H 36 -12.21 12.09 -22.47
CA LEU H 36 -12.34 11.06 -23.50
C LEU H 36 -11.82 9.74 -22.98
N GLN H 37 -10.58 9.73 -22.49
CA GLN H 37 -9.97 8.54 -21.94
C GLN H 37 -10.91 7.81 -20.97
N ARG H 38 -11.26 8.47 -19.87
CA ARG H 38 -12.13 7.90 -18.82
C ARG H 38 -13.40 7.26 -19.42
N MET H 39 -13.86 7.82 -20.52
CA MET H 39 -15.04 7.31 -21.21
C MET H 39 -14.65 6.03 -21.94
N PHE H 40 -13.67 6.17 -22.82
CA PHE H 40 -13.13 5.05 -23.60
C PHE H 40 -12.65 3.94 -22.67
N LYS H 41 -12.41 4.30 -21.40
CA LYS H 41 -11.92 3.33 -20.43
C LYS H 41 -13.04 2.69 -19.61
N ASP H 42 -13.90 3.51 -19.02
CA ASP H 42 -14.98 2.97 -18.21
C ASP H 42 -15.92 2.09 -19.06
N VAL H 43 -15.87 2.29 -20.37
CA VAL H 43 -16.70 1.51 -21.30
C VAL H 43 -15.96 0.25 -21.74
N THR H 44 -15.07 0.42 -22.72
CA THR H 44 -14.30 -0.69 -23.25
C THR H 44 -13.54 -1.39 -22.12
N GLY H 45 -12.96 -0.60 -21.24
CA GLY H 45 -12.20 -1.16 -20.14
C GLY H 45 -10.75 -1.30 -20.54
N HIS H 46 -10.30 -0.42 -21.43
CA HIS H 46 -8.93 -0.44 -21.94
C HIS H 46 -8.44 0.97 -22.19
N ALA H 47 -7.14 1.18 -22.02
CA ALA H 47 -6.53 2.50 -22.23
C ALA H 47 -6.34 2.75 -23.72
N ILE H 48 -6.97 3.79 -24.22
CA ILE H 48 -6.88 4.09 -25.65
C ILE H 48 -5.45 4.22 -26.17
N GLY H 49 -4.52 4.58 -25.30
CA GLY H 49 -3.14 4.73 -25.74
C GLY H 49 -2.47 3.38 -25.94
N ALA H 50 -2.70 2.47 -25.00
CA ALA H 50 -2.14 1.12 -25.05
C ALA H 50 -2.82 0.32 -26.17
N TYR H 51 -4.11 0.58 -26.37
CA TYR H 51 -4.90 -0.09 -27.41
C TYR H 51 -4.33 0.25 -28.78
N ILE H 52 -4.38 1.53 -29.15
CA ILE H 52 -3.86 1.96 -30.45
C ILE H 52 -2.46 1.40 -30.68
N ARG H 53 -1.74 1.18 -29.60
CA ARG H 53 -0.40 0.64 -29.68
C ARG H 53 -0.47 -0.84 -30.04
N ALA H 54 -1.31 -1.60 -29.32
CA ALA H 54 -1.46 -3.03 -29.55
C ALA H 54 -2.06 -3.42 -30.91
N ARG H 55 -2.93 -2.58 -31.46
CA ARG H 55 -3.54 -2.86 -32.75
C ARG H 55 -2.48 -2.77 -33.85
N ARG H 56 -1.58 -1.82 -33.69
CA ARG H 56 -0.51 -1.63 -34.68
C ARG H 56 0.48 -2.78 -34.74
N LEU H 57 1.03 -3.17 -33.60
CA LEU H 57 1.97 -4.28 -33.57
C LEU H 57 1.26 -5.51 -34.10
N SER H 58 -0.05 -5.60 -33.81
CA SER H 58 -0.84 -6.72 -34.28
C SER H 58 -0.83 -6.75 -35.81
N LYS H 59 -1.05 -5.60 -36.44
CA LYS H 59 -1.04 -5.53 -37.89
C LYS H 59 0.39 -5.66 -38.39
N SER H 60 1.34 -5.33 -37.52
CA SER H 60 2.75 -5.46 -37.86
C SER H 60 3.02 -6.95 -38.04
N ALA H 61 2.51 -7.73 -37.09
CA ALA H 61 2.66 -9.17 -37.08
C ALA H 61 2.08 -9.79 -38.34
N VAL H 62 0.81 -9.52 -38.60
CA VAL H 62 0.17 -10.07 -39.77
C VAL H 62 0.93 -9.74 -41.05
N ALA H 63 1.28 -8.47 -41.24
CA ALA H 63 2.01 -8.03 -42.42
C ALA H 63 3.33 -8.77 -42.53
N LEU H 64 3.98 -8.98 -41.39
CA LEU H 64 5.26 -9.68 -41.35
C LEU H 64 5.17 -11.11 -41.86
N ARG H 65 3.97 -11.68 -41.74
CA ARG H 65 3.73 -13.06 -42.17
C ARG H 65 3.13 -13.15 -43.57
N LEU H 66 2.25 -12.22 -43.92
CA LEU H 66 1.58 -12.23 -45.21
C LEU H 66 2.18 -11.39 -46.35
N THR H 67 3.07 -10.45 -46.04
CA THR H 67 3.67 -9.63 -47.10
C THR H 67 5.18 -9.78 -47.19
N ALA H 68 5.76 -9.30 -48.28
CA ALA H 68 7.20 -9.41 -48.50
C ALA H 68 7.97 -8.10 -48.24
N ARG H 69 7.30 -7.11 -47.71
CA ARG H 69 7.98 -5.85 -47.46
C ARG H 69 9.01 -5.89 -46.32
N PRO H 70 10.09 -5.12 -46.45
CA PRO H 70 11.16 -5.06 -45.45
C PRO H 70 10.66 -4.48 -44.12
N ILE H 71 11.14 -5.05 -43.02
CA ILE H 71 10.74 -4.63 -41.68
C ILE H 71 10.59 -3.12 -41.48
N LEU H 72 11.56 -2.34 -41.97
CA LEU H 72 11.52 -0.88 -41.81
C LEU H 72 10.23 -0.28 -42.38
N ASP H 73 9.77 -0.82 -43.51
CA ASP H 73 8.54 -0.36 -44.13
C ASP H 73 7.41 -0.56 -43.14
N ILE H 74 7.18 -1.83 -42.82
CA ILE H 74 6.12 -2.20 -41.90
C ILE H 74 6.14 -1.31 -40.67
N ALA H 75 7.32 -1.14 -40.09
CA ALA H 75 7.47 -0.30 -38.91
C ALA H 75 6.98 1.13 -39.16
N LEU H 76 7.39 1.70 -40.29
CA LEU H 76 7.00 3.06 -40.61
C LEU H 76 5.52 3.20 -40.92
N GLN H 77 5.04 2.47 -41.92
CA GLN H 77 3.64 2.57 -42.29
C GLN H 77 2.73 2.64 -41.09
N TYR H 78 3.11 1.96 -40.00
CA TYR H 78 2.28 1.97 -38.81
C TYR H 78 2.69 3.03 -37.80
N ARG H 79 3.18 4.14 -38.34
CA ARG H 79 3.60 5.29 -37.56
C ARG H 79 4.54 4.98 -36.40
N PHE H 80 5.74 4.57 -36.74
CA PHE H 80 6.76 4.29 -35.75
C PHE H 80 7.98 5.11 -36.15
N ASP H 81 8.62 5.73 -35.17
CA ASP H 81 9.78 6.57 -35.42
C ASP H 81 10.88 5.86 -36.22
N SER H 82 11.49 4.86 -35.62
CA SER H 82 12.57 4.12 -36.28
C SER H 82 12.30 2.63 -36.24
N GLN H 83 13.31 1.83 -36.58
CA GLN H 83 13.15 0.39 -36.56
C GLN H 83 13.34 -0.09 -35.14
N GLN H 84 14.20 0.60 -34.39
CA GLN H 84 14.45 0.22 -33.01
C GLN H 84 13.18 0.46 -32.19
N THR H 85 12.53 1.58 -32.44
CA THR H 85 11.29 1.92 -31.74
C THR H 85 10.40 0.69 -31.89
N PHE H 86 10.13 0.37 -33.15
CA PHE H 86 9.29 -0.76 -33.54
C PHE H 86 9.75 -2.06 -32.90
N THR H 87 11.04 -2.36 -33.01
CA THR H 87 11.60 -3.59 -32.46
C THR H 87 11.41 -3.78 -30.97
N ARG H 88 11.72 -2.76 -30.18
CA ARG H 88 11.55 -2.85 -28.73
C ARG H 88 10.12 -3.25 -28.47
N ALA H 89 9.21 -2.40 -28.92
CA ALA H 89 7.79 -2.61 -28.75
C ALA H 89 7.36 -4.01 -29.20
N PHE H 90 7.76 -4.38 -30.42
CA PHE H 90 7.39 -5.69 -30.94
C PHE H 90 7.77 -6.77 -29.94
N LYS H 91 8.96 -6.68 -29.39
CA LYS H 91 9.38 -7.68 -28.42
C LYS H 91 8.49 -7.61 -27.17
N LYS H 92 8.11 -6.40 -26.78
CA LYS H 92 7.24 -6.22 -25.61
C LYS H 92 6.01 -7.12 -25.71
N GLN H 93 5.28 -6.93 -26.80
CA GLN H 93 4.04 -7.65 -27.06
C GLN H 93 4.16 -9.11 -27.50
N PHE H 94 5.17 -9.43 -28.30
CA PHE H 94 5.30 -10.79 -28.81
C PHE H 94 6.36 -11.73 -28.26
N ALA H 95 7.30 -11.20 -27.48
CA ALA H 95 8.35 -12.03 -26.88
C ALA H 95 9.22 -12.72 -27.92
N GLN H 96 9.36 -12.08 -29.08
CA GLN H 96 10.18 -12.60 -30.16
C GLN H 96 10.52 -11.39 -31.00
N THR H 97 11.62 -11.45 -31.74
CA THR H 97 12.01 -10.34 -32.58
C THR H 97 11.21 -10.40 -33.88
N PRO H 98 10.93 -9.25 -34.50
CA PRO H 98 10.17 -9.34 -35.74
C PRO H 98 10.83 -10.30 -36.73
N ALA H 99 12.14 -10.16 -36.92
CA ALA H 99 12.88 -11.02 -37.83
C ALA H 99 12.55 -12.49 -37.64
N LEU H 100 12.72 -12.99 -36.41
CA LEU H 100 12.44 -14.38 -36.11
C LEU H 100 10.95 -14.72 -36.27
N TYR H 101 10.11 -13.76 -35.98
CA TYR H 101 8.66 -13.93 -36.10
C TYR H 101 8.30 -14.30 -37.52
N ARG H 102 8.88 -13.59 -38.47
CA ARG H 102 8.62 -13.86 -39.88
C ARG H 102 9.18 -15.21 -40.28
N ARG H 103 10.46 -15.42 -40.02
CA ARG H 103 11.14 -16.67 -40.37
C ARG H 103 10.45 -17.91 -39.85
N SER H 104 9.96 -17.84 -38.63
CA SER H 104 9.28 -18.98 -38.03
C SER H 104 8.37 -19.75 -38.96
N PRO H 105 8.45 -21.08 -38.93
CA PRO H 105 7.62 -21.97 -39.76
C PRO H 105 6.15 -21.95 -39.34
N GLU H 106 5.90 -22.09 -38.04
CA GLU H 106 4.54 -22.09 -37.53
C GLU H 106 4.19 -20.71 -36.96
N TRP H 107 2.91 -20.47 -36.76
CA TRP H 107 2.47 -19.16 -36.28
C TRP H 107 1.30 -19.31 -35.32
N SER H 108 1.27 -18.47 -34.28
CA SER H 108 0.17 -18.53 -33.32
C SER H 108 -0.25 -17.12 -32.96
N ALA H 109 -1.43 -16.97 -32.36
CA ALA H 109 -1.89 -15.65 -32.01
C ALA H 109 -1.45 -15.23 -30.59
N PHE H 110 -0.23 -15.56 -30.22
CA PHE H 110 0.24 -15.23 -28.89
C PHE H 110 -0.03 -13.80 -28.44
N GLY H 111 0.54 -12.84 -29.14
CA GLY H 111 0.34 -11.46 -28.73
C GLY H 111 -0.60 -10.64 -29.56
N ILE H 112 -1.35 -11.26 -30.46
CA ILE H 112 -2.26 -10.49 -31.28
C ILE H 112 -3.41 -9.94 -30.46
N ARG H 113 -3.58 -8.61 -30.50
CA ARG H 113 -4.65 -7.95 -29.77
C ARG H 113 -5.74 -7.62 -30.78
N PRO H 114 -6.79 -8.46 -30.86
CA PRO H 114 -7.92 -8.30 -31.78
C PRO H 114 -8.71 -7.02 -31.52
N PRO H 115 -9.27 -6.41 -32.58
CA PRO H 115 -10.03 -5.18 -32.39
C PRO H 115 -11.26 -5.43 -31.52
N LEU H 116 -11.47 -4.55 -30.54
CA LEU H 116 -12.61 -4.67 -29.63
C LEU H 116 -13.90 -4.67 -30.41
N ARG H 117 -14.89 -5.41 -29.91
CA ARG H 117 -16.19 -5.50 -30.57
C ARG H 117 -17.29 -5.03 -29.63
N LEU H 118 -17.70 -3.77 -29.78
CA LEU H 118 -18.74 -3.22 -28.92
C LEU H 118 -20.15 -3.68 -29.30
N GLY H 119 -20.59 -3.31 -30.50
CA GLY H 119 -21.92 -3.70 -30.95
C GLY H 119 -22.11 -5.19 -31.07
N GLU H 120 -22.42 -5.65 -32.28
CA GLU H 120 -22.62 -7.08 -32.50
C GLU H 120 -21.70 -7.55 -33.62
N PHE H 121 -20.64 -8.27 -33.23
CA PHE H 121 -19.69 -8.81 -34.20
C PHE H 121 -20.14 -10.20 -34.63
N THR H 122 -20.44 -10.35 -35.90
CA THR H 122 -20.87 -11.63 -36.46
C THR H 122 -19.62 -12.36 -36.99
N MET H 123 -18.98 -13.16 -36.14
CA MET H 123 -17.76 -13.87 -36.55
C MET H 123 -18.00 -14.81 -37.73
N PRO H 124 -17.07 -14.83 -38.69
CA PRO H 124 -17.16 -15.67 -39.89
C PRO H 124 -17.38 -17.14 -39.55
N GLU H 125 -18.06 -17.85 -40.44
CA GLU H 125 -18.36 -19.27 -40.30
C GLU H 125 -17.07 -20.08 -40.48
N HIS H 126 -16.86 -21.12 -39.68
CA HIS H 126 -15.66 -21.96 -39.84
C HIS H 126 -16.00 -23.45 -39.73
N LYS H 127 -15.06 -24.29 -40.11
CA LYS H 127 -15.26 -25.73 -40.11
C LYS H 127 -13.87 -26.36 -40.28
N PHE H 128 -13.57 -27.41 -39.52
CA PHE H 128 -12.27 -28.05 -39.69
C PHE H 128 -12.43 -29.15 -40.72
N VAL H 129 -11.52 -29.17 -41.69
CA VAL H 129 -11.63 -30.15 -42.75
C VAL H 129 -10.28 -30.75 -42.99
N THR H 130 -10.28 -31.85 -43.70
CA THR H 130 -9.06 -32.55 -43.99
C THR H 130 -9.02 -32.73 -45.49
N LEU H 131 -7.94 -32.31 -46.11
CA LEU H 131 -7.85 -32.40 -47.56
C LEU H 131 -6.85 -33.45 -47.99
N GLU H 132 -7.06 -33.95 -49.19
CA GLU H 132 -6.17 -34.95 -49.77
C GLU H 132 -5.31 -34.23 -50.81
N ASP H 133 -4.09 -34.72 -51.01
CA ASP H 133 -3.22 -34.14 -52.01
C ASP H 133 -3.99 -34.09 -53.32
N THR H 134 -3.82 -33.00 -54.07
CA THR H 134 -4.53 -32.88 -55.34
C THR H 134 -3.69 -32.19 -56.40
N PRO H 135 -3.71 -32.74 -57.61
CA PRO H 135 -2.93 -32.13 -58.67
C PRO H 135 -3.72 -30.97 -59.25
N LEU H 136 -3.00 -29.90 -59.57
CA LEU H 136 -3.61 -28.72 -60.17
C LEU H 136 -2.60 -28.20 -61.16
N ILE H 137 -3.12 -27.57 -62.21
CA ILE H 137 -2.31 -26.96 -63.26
C ILE H 137 -2.52 -25.46 -63.01
N GLY H 138 -1.45 -24.69 -62.93
CA GLY H 138 -1.59 -23.27 -62.69
C GLY H 138 -0.38 -22.40 -62.96
N VAL H 139 -0.44 -21.17 -62.47
CA VAL H 139 0.63 -20.23 -62.68
C VAL H 139 0.94 -19.53 -61.38
N THR H 140 2.19 -19.14 -61.19
CA THR H 140 2.52 -18.49 -59.94
C THR H 140 3.56 -17.39 -60.06
N GLN H 141 3.42 -16.38 -59.21
CA GLN H 141 4.37 -15.29 -59.24
C GLN H 141 4.65 -14.72 -57.88
N SER H 142 5.80 -14.10 -57.80
CA SER H 142 6.22 -13.47 -56.58
C SER H 142 5.64 -12.07 -56.62
N TYR H 143 4.76 -11.76 -55.67
CA TYR H 143 4.20 -10.43 -55.64
C TYR H 143 4.69 -9.75 -54.38
N SER H 144 4.39 -8.47 -54.21
CA SER H 144 4.87 -7.75 -53.05
C SER H 144 4.07 -6.50 -52.83
N CYS H 145 3.37 -6.44 -51.72
CA CYS H 145 2.54 -5.30 -51.43
C CYS H 145 2.28 -5.24 -49.94
N SER H 146 1.44 -4.29 -49.55
CA SER H 146 1.09 -4.11 -48.16
C SER H 146 -0.19 -4.84 -47.78
N LEU H 147 -0.30 -5.09 -46.48
CA LEU H 147 -1.42 -5.78 -45.89
C LEU H 147 -2.74 -5.32 -46.47
N GLU H 148 -2.88 -4.01 -46.59
CA GLU H 148 -4.12 -3.43 -47.10
C GLU H 148 -4.31 -3.62 -48.61
N GLN H 149 -3.26 -4.06 -49.30
CA GLN H 149 -3.32 -4.26 -50.74
C GLN H 149 -3.44 -5.70 -51.24
N ILE H 150 -3.27 -6.68 -50.34
CA ILE H 150 -3.34 -8.10 -50.68
C ILE H 150 -4.53 -8.53 -51.55
N SER H 151 -5.74 -8.34 -51.04
CA SER H 151 -6.91 -8.73 -51.77
C SER H 151 -6.89 -8.20 -53.19
N ASP H 152 -6.49 -6.94 -53.37
CA ASP H 152 -6.47 -6.38 -54.72
C ASP H 152 -5.45 -7.03 -55.64
N PHE H 153 -4.21 -7.13 -55.17
CA PHE H 153 -3.15 -7.75 -55.96
C PHE H 153 -3.52 -9.16 -56.36
N ARG H 154 -4.02 -9.93 -55.41
CA ARG H 154 -4.41 -11.29 -55.72
C ARG H 154 -5.48 -11.26 -56.78
N HIS H 155 -6.51 -10.46 -56.54
CA HIS H 155 -7.61 -10.35 -57.46
C HIS H 155 -7.12 -10.12 -58.90
N GLU H 156 -6.17 -9.22 -59.08
CA GLU H 156 -5.70 -8.96 -60.42
C GLU H 156 -5.02 -10.18 -61.01
N MET H 157 -4.28 -10.91 -60.18
CA MET H 157 -3.60 -12.14 -60.63
C MET H 157 -4.60 -13.21 -61.06
N ARG H 158 -5.70 -13.41 -60.32
CA ARG H 158 -6.70 -14.40 -60.72
C ARG H 158 -7.29 -13.95 -62.04
N TYR H 159 -7.55 -12.64 -62.13
CA TYR H 159 -8.16 -12.07 -63.34
C TYR H 159 -7.40 -12.39 -64.63
N GLN H 160 -6.10 -12.10 -64.63
CA GLN H 160 -5.33 -12.39 -65.82
C GLN H 160 -5.54 -13.85 -66.12
N PHE H 161 -5.09 -14.70 -65.21
CA PHE H 161 -5.23 -16.12 -65.41
C PHE H 161 -6.60 -16.54 -65.93
N TRP H 162 -7.62 -16.15 -65.19
CA TRP H 162 -8.98 -16.54 -65.50
C TRP H 162 -9.44 -16.16 -66.89
N HIS H 163 -9.48 -14.86 -67.17
CA HIS H 163 -9.92 -14.42 -68.47
C HIS H 163 -9.00 -14.89 -69.57
N ASP H 164 -7.70 -14.98 -69.30
CA ASP H 164 -6.80 -15.47 -70.33
C ASP H 164 -7.21 -16.89 -70.59
N PHE H 165 -7.48 -17.64 -69.51
CA PHE H 165 -7.89 -19.02 -69.61
C PHE H 165 -9.21 -19.23 -70.36
N LEU H 166 -10.24 -18.46 -70.00
CA LEU H 166 -11.53 -18.60 -70.66
C LEU H 166 -11.49 -18.48 -72.19
N GLY H 167 -10.69 -17.55 -72.72
CA GLY H 167 -10.58 -17.41 -74.16
C GLY H 167 -10.55 -18.70 -74.98
N ASN H 168 -9.99 -19.78 -74.43
CA ASN H 168 -9.91 -21.05 -75.17
C ASN H 168 -10.76 -22.14 -74.58
N ALA H 169 -11.41 -21.86 -73.47
CA ALA H 169 -12.17 -22.88 -72.76
C ALA H 169 -13.63 -23.12 -73.15
N PRO H 170 -13.93 -24.34 -73.63
CA PRO H 170 -15.30 -24.69 -74.03
C PRO H 170 -16.26 -24.90 -72.85
N THR H 171 -15.73 -25.08 -71.64
CA THR H 171 -16.61 -25.26 -70.47
C THR H 171 -16.04 -24.51 -69.31
N ILE H 172 -16.89 -24.13 -68.38
CA ILE H 172 -16.39 -23.36 -67.25
C ILE H 172 -16.05 -24.17 -66.02
N PRO H 173 -14.80 -24.05 -65.54
CA PRO H 173 -14.33 -24.75 -64.35
C PRO H 173 -15.22 -24.36 -63.18
N PRO H 174 -15.59 -25.33 -62.32
CA PRO H 174 -16.45 -24.99 -61.18
C PRO H 174 -15.70 -24.35 -60.01
N VAL H 175 -14.38 -24.36 -60.06
CA VAL H 175 -13.59 -23.82 -58.96
C VAL H 175 -12.27 -23.18 -59.38
N LEU H 176 -11.95 -22.01 -58.81
CA LEU H 176 -10.68 -21.35 -59.14
C LEU H 176 -9.91 -21.31 -57.85
N TYR H 177 -8.64 -21.69 -57.89
CA TYR H 177 -7.82 -21.74 -56.70
C TYR H 177 -6.81 -20.63 -56.57
N GLY H 178 -6.61 -20.18 -55.33
CA GLY H 178 -5.63 -19.16 -55.03
C GLY H 178 -4.80 -19.67 -53.85
N LEU H 179 -3.52 -19.97 -54.09
CA LEU H 179 -2.69 -20.48 -53.03
C LEU H 179 -1.60 -19.50 -52.64
N ASN H 180 -1.58 -19.10 -51.37
CA ASN H 180 -0.57 -18.17 -50.90
C ASN H 180 0.52 -18.98 -50.19
N GLU H 181 1.77 -18.68 -50.50
CA GLU H 181 2.89 -19.41 -49.91
C GLU H 181 4.06 -18.49 -49.61
N THR H 182 4.75 -18.72 -48.50
CA THR H 182 5.91 -17.92 -48.13
C THR H 182 7.20 -18.73 -48.26
N ARG H 183 8.29 -18.04 -48.55
CA ARG H 183 9.59 -18.70 -48.68
C ARG H 183 10.69 -17.83 -48.08
N PRO H 184 11.30 -18.29 -46.98
CA PRO H 184 12.37 -17.57 -46.29
C PRO H 184 13.52 -17.27 -47.23
N SER H 185 14.02 -16.04 -47.18
CA SER H 185 15.14 -15.66 -48.03
C SER H 185 16.37 -16.40 -47.53
N GLN H 186 17.47 -16.30 -48.27
CA GLN H 186 18.69 -17.00 -47.90
C GLN H 186 19.83 -16.10 -47.41
N ASP H 187 19.70 -14.80 -47.63
CA ASP H 187 20.71 -13.84 -47.20
C ASP H 187 20.38 -13.31 -45.82
N LYS H 188 19.61 -12.22 -45.78
CA LYS H 188 19.19 -11.65 -44.50
C LYS H 188 17.83 -12.27 -44.23
N ASP H 189 17.74 -13.11 -43.20
CA ASP H 189 16.46 -13.75 -42.93
C ASP H 189 15.48 -12.84 -42.18
N ASP H 190 15.44 -11.58 -42.62
CA ASP H 190 14.52 -10.59 -42.08
C ASP H 190 13.61 -10.30 -43.27
N GLU H 191 13.97 -10.90 -44.41
CA GLU H 191 13.23 -10.76 -45.66
C GLU H 191 12.55 -12.07 -46.01
N GLN H 192 11.61 -12.02 -46.94
CA GLN H 192 10.88 -13.20 -47.36
C GLN H 192 10.11 -12.88 -48.64
N GLU H 193 9.91 -13.90 -49.48
CA GLU H 193 9.14 -13.70 -50.71
C GLU H 193 7.75 -14.28 -50.48
N VAL H 194 6.78 -13.79 -51.24
CA VAL H 194 5.42 -14.28 -51.13
C VAL H 194 4.98 -14.65 -52.54
N PHE H 195 4.45 -15.86 -52.69
CA PHE H 195 4.01 -16.32 -53.99
C PHE H 195 2.53 -16.62 -54.03
N TYR H 196 1.86 -16.20 -55.09
CA TYR H 196 0.46 -16.51 -55.25
C TYR H 196 0.35 -17.45 -56.46
N THR H 197 -0.46 -18.49 -56.31
CA THR H 197 -0.64 -19.45 -57.40
C THR H 197 -2.10 -19.45 -57.77
N THR H 198 -2.37 -19.31 -59.06
CA THR H 198 -3.74 -19.34 -59.56
C THR H 198 -3.72 -20.65 -60.30
N ALA H 199 -4.66 -21.53 -59.98
CA ALA H 199 -4.69 -22.86 -60.58
C ALA H 199 -6.06 -23.49 -60.74
N LEU H 200 -6.11 -24.53 -61.55
CA LEU H 200 -7.35 -25.24 -61.82
C LEU H 200 -7.22 -26.74 -61.51
N ALA H 201 -8.35 -27.37 -61.19
CA ALA H 201 -8.33 -28.79 -60.90
C ALA H 201 -8.95 -29.56 -62.06
N GLN H 202 -8.70 -30.86 -62.11
CA GLN H 202 -9.29 -31.68 -63.17
C GLN H 202 -10.74 -31.77 -62.77
N ASP H 203 -11.63 -31.57 -63.74
CA ASP H 203 -13.07 -31.63 -63.49
C ASP H 203 -13.56 -32.73 -64.39
N GLN H 204 -14.87 -32.87 -64.51
CA GLN H 204 -15.40 -33.92 -65.37
C GLN H 204 -15.54 -33.55 -66.84
N ALA H 205 -14.88 -32.48 -67.28
CA ALA H 205 -14.98 -32.07 -68.69
C ALA H 205 -13.70 -32.28 -69.49
N ASP H 206 -13.43 -33.53 -69.82
CA ASP H 206 -12.26 -33.98 -70.58
C ASP H 206 -11.00 -33.11 -70.52
N GLY H 207 -10.86 -32.17 -71.45
CA GLY H 207 -9.66 -31.36 -71.46
C GLY H 207 -9.74 -29.84 -71.38
N TYR H 208 -8.55 -29.23 -71.31
CA TYR H 208 -8.34 -27.79 -71.23
C TYR H 208 -6.94 -27.50 -71.76
N VAL H 209 -6.70 -26.28 -72.22
CA VAL H 209 -5.40 -25.89 -72.71
C VAL H 209 -4.94 -24.72 -71.87
N LEU H 210 -4.12 -24.99 -70.86
CA LEU H 210 -3.65 -23.93 -69.98
C LEU H 210 -2.14 -23.92 -69.89
N THR H 211 -1.61 -22.71 -69.70
CA THR H 211 -0.19 -22.52 -69.54
C THR H 211 0.08 -22.85 -68.07
N GLY H 212 1.34 -22.93 -67.68
CA GLY H 212 1.65 -23.22 -66.29
C GLY H 212 2.24 -24.58 -66.03
N HIS H 213 2.43 -24.90 -64.76
CA HIS H 213 3.03 -26.17 -64.37
C HIS H 213 2.13 -26.96 -63.44
N PRO H 214 2.49 -28.22 -63.18
CA PRO H 214 1.62 -28.98 -62.28
C PRO H 214 1.91 -28.46 -60.89
N VAL H 215 0.85 -28.20 -60.13
CA VAL H 215 0.98 -27.71 -58.76
C VAL H 215 0.33 -28.69 -57.84
N MET H 216 0.95 -28.88 -56.68
CA MET H 216 0.40 -29.80 -55.70
C MET H 216 -0.37 -29.02 -54.65
N LEU H 217 -1.65 -29.34 -54.48
CA LEU H 217 -2.42 -28.72 -53.41
C LEU H 217 -2.15 -29.70 -52.24
N GLN H 218 -1.36 -29.26 -51.26
CA GLN H 218 -0.99 -30.11 -50.13
C GLN H 218 -2.15 -30.58 -49.27
N GLY H 219 -2.18 -31.87 -48.95
CA GLY H 219 -3.23 -32.40 -48.10
C GLY H 219 -2.93 -32.10 -46.63
N GLY H 220 -3.90 -32.28 -45.75
CA GLY H 220 -3.66 -32.02 -44.34
C GLY H 220 -4.88 -31.48 -43.66
N GLU H 221 -4.74 -30.96 -42.45
CA GLU H 221 -5.92 -30.44 -41.79
C GLU H 221 -5.94 -28.92 -41.94
N TYR H 222 -7.13 -28.39 -42.13
CA TYR H 222 -7.31 -26.97 -42.29
C TYR H 222 -8.53 -26.47 -41.59
N VAL H 223 -8.57 -25.16 -41.41
CA VAL H 223 -9.73 -24.49 -40.88
C VAL H 223 -10.28 -23.82 -42.14
N MET H 224 -11.58 -23.96 -42.38
CA MET H 224 -12.17 -23.32 -43.52
C MET H 224 -13.13 -22.22 -43.11
N PHE H 225 -12.91 -21.02 -43.63
CA PHE H 225 -13.81 -19.90 -43.37
C PHE H 225 -14.49 -19.66 -44.70
N THR H 226 -15.80 -19.41 -44.69
CA THR H 226 -16.48 -19.18 -45.95
C THR H 226 -17.03 -17.76 -45.91
N TYR H 227 -17.06 -17.11 -47.07
CA TYR H 227 -17.53 -15.74 -47.19
C TYR H 227 -18.52 -15.61 -48.32
N GLU H 228 -19.47 -14.71 -48.14
CA GLU H 228 -20.49 -14.42 -49.16
C GLU H 228 -20.72 -12.93 -49.17
N GLY H 229 -20.62 -12.31 -50.34
CA GLY H 229 -20.82 -10.88 -50.42
C GLY H 229 -20.03 -10.19 -51.51
N LEU H 230 -19.95 -8.87 -51.40
CA LEU H 230 -19.24 -8.09 -52.40
C LEU H 230 -17.77 -8.40 -52.40
N GLY H 231 -17.20 -8.50 -53.60
CA GLY H 231 -15.77 -8.77 -53.71
C GLY H 231 -14.96 -7.67 -53.05
N THR H 232 -15.65 -6.61 -52.60
CA THR H 232 -14.97 -5.49 -51.93
C THR H 232 -14.84 -5.82 -50.45
N GLY H 233 -15.58 -6.81 -50.00
CA GLY H 233 -15.51 -7.21 -48.61
C GLY H 233 -14.47 -8.30 -48.41
N VAL H 234 -13.98 -8.87 -49.50
CA VAL H 234 -12.98 -9.93 -49.42
C VAL H 234 -11.80 -9.52 -48.56
N GLN H 235 -11.34 -8.27 -48.69
CA GLN H 235 -10.21 -7.77 -47.90
C GLN H 235 -10.55 -7.76 -46.43
N GLU H 236 -11.74 -7.28 -46.08
CA GLU H 236 -12.14 -7.27 -44.68
C GLU H 236 -12.07 -8.71 -44.18
N PHE H 237 -12.74 -9.61 -44.91
CA PHE H 237 -12.81 -11.04 -44.58
C PHE H 237 -11.46 -11.66 -44.21
N ILE H 238 -10.49 -11.53 -45.11
CA ILE H 238 -9.15 -12.05 -44.89
C ILE H 238 -8.56 -11.54 -43.59
N LEU H 239 -8.65 -10.23 -43.37
CA LEU H 239 -8.11 -9.65 -42.16
C LEU H 239 -8.82 -10.09 -40.88
N THR H 240 -10.14 -10.12 -40.87
CA THR H 240 -10.80 -10.54 -39.65
C THR H 240 -10.52 -12.03 -39.43
N VAL H 241 -10.25 -12.76 -40.52
CA VAL H 241 -9.93 -14.18 -40.38
C VAL H 241 -8.55 -14.34 -39.74
N TYR H 242 -7.61 -13.54 -40.18
CA TYR H 242 -6.26 -13.59 -39.65
C TYR H 242 -6.06 -12.77 -38.39
N GLY H 243 -6.79 -11.65 -38.29
CA GLY H 243 -6.65 -10.77 -37.16
C GLY H 243 -7.58 -11.01 -35.99
N THR H 244 -8.60 -11.85 -36.15
CA THR H 244 -9.49 -12.09 -35.03
C THR H 244 -10.06 -13.51 -34.88
N CYS H 245 -10.18 -14.25 -35.98
CA CYS H 245 -10.70 -15.61 -35.89
C CYS H 245 -9.62 -16.60 -35.47
N MET H 246 -8.47 -16.52 -36.11
CA MET H 246 -7.35 -17.39 -35.75
C MET H 246 -7.04 -17.19 -34.28
N PRO H 247 -7.02 -15.93 -33.81
CA PRO H 247 -6.73 -15.67 -32.40
C PRO H 247 -7.76 -16.26 -31.45
N MET H 248 -9.03 -15.94 -31.65
CA MET H 248 -10.07 -16.45 -30.78
C MET H 248 -10.09 -17.97 -30.66
N LEU H 249 -9.86 -18.67 -31.77
CA LEU H 249 -9.83 -20.13 -31.76
C LEU H 249 -8.46 -20.60 -31.28
N ASN H 250 -7.64 -19.67 -30.86
CA ASN H 250 -6.31 -20.02 -30.38
C ASN H 250 -5.70 -21.13 -31.23
N LEU H 251 -5.82 -20.99 -32.56
CA LEU H 251 -5.28 -21.99 -33.49
C LEU H 251 -3.84 -21.73 -33.89
N THR H 252 -3.15 -22.79 -34.34
CA THR H 252 -1.78 -22.68 -34.80
C THR H 252 -1.69 -23.03 -36.28
N ARG H 253 -1.07 -22.14 -37.07
CA ARG H 253 -0.92 -22.37 -38.51
C ARG H 253 0.37 -23.15 -38.77
N ARG H 254 0.26 -24.27 -39.46
CA ARG H 254 1.43 -25.06 -39.78
C ARG H 254 2.05 -24.56 -41.07
N LYS H 255 3.32 -24.91 -41.28
CA LYS H 255 3.97 -24.51 -42.50
C LYS H 255 3.08 -25.12 -43.57
N GLY H 256 2.97 -24.44 -44.70
CA GLY H 256 2.12 -24.95 -45.74
C GLY H 256 1.58 -23.80 -46.54
N GLN H 257 0.49 -24.03 -47.26
CA GLN H 257 -0.05 -23.00 -48.11
C GLN H 257 -1.50 -22.61 -47.75
N ASP H 258 -1.81 -21.31 -47.85
CA ASP H 258 -3.20 -20.89 -47.61
C ASP H 258 -3.92 -21.16 -48.93
N ILE H 259 -5.19 -21.51 -48.85
CA ILE H 259 -5.92 -21.89 -50.01
C ILE H 259 -7.22 -21.15 -50.14
N GLU H 260 -7.37 -20.41 -51.23
CA GLU H 260 -8.62 -19.70 -51.46
C GLU H 260 -9.33 -20.49 -52.56
N ARG H 261 -10.64 -20.55 -52.47
CA ARG H 261 -11.45 -21.25 -53.44
C ARG H 261 -12.53 -20.30 -53.86
N TYR H 262 -12.59 -20.00 -55.15
CA TYR H 262 -13.58 -19.10 -55.67
C TYR H 262 -14.49 -19.85 -56.61
N TYR H 263 -15.75 -19.41 -56.69
CA TYR H 263 -16.70 -20.03 -57.58
C TYR H 263 -17.22 -18.96 -58.56
N PRO H 264 -16.30 -18.38 -59.38
CA PRO H 264 -16.62 -17.33 -60.36
C PRO H 264 -17.57 -17.73 -61.49
N ALA H 265 -17.69 -19.02 -61.74
CA ALA H 265 -18.57 -19.50 -62.80
C ALA H 265 -20.00 -19.01 -62.55
N GLU H 266 -20.20 -18.39 -61.40
CA GLU H 266 -21.50 -17.88 -61.01
C GLU H 266 -21.46 -16.51 -60.32
N ASP H 267 -21.17 -15.47 -61.09
CA ASP H 267 -21.12 -14.10 -60.56
C ASP H 267 -21.93 -13.12 -61.43
N ASP H 272 -26.22 -3.79 -63.63
CA ASP H 272 -24.98 -4.59 -63.41
C ASP H 272 -24.30 -4.20 -62.09
N ARG H 273 -25.09 -4.07 -61.03
CA ARG H 273 -24.58 -3.70 -59.70
C ARG H 273 -23.47 -4.66 -59.23
N PRO H 274 -22.64 -4.20 -58.27
CA PRO H 274 -21.54 -5.06 -57.78
C PRO H 274 -22.05 -6.46 -57.40
N ILE H 275 -21.73 -7.43 -58.25
CA ILE H 275 -22.13 -8.82 -58.07
C ILE H 275 -21.59 -9.44 -56.78
N ASN H 276 -22.31 -10.44 -56.26
CA ASN H 276 -21.89 -11.13 -55.05
C ASN H 276 -21.09 -12.40 -55.35
N LEU H 277 -19.88 -12.47 -54.81
CA LEU H 277 -19.04 -13.64 -55.02
C LEU H 277 -19.04 -14.53 -53.79
N ARG H 278 -18.50 -15.73 -53.94
CA ARG H 278 -18.45 -16.69 -52.85
C ARG H 278 -17.09 -17.37 -52.81
N CYS H 279 -16.45 -17.38 -51.66
CA CYS H 279 -15.16 -18.04 -51.56
C CYS H 279 -14.84 -18.60 -50.18
N GLU H 280 -13.90 -19.52 -50.16
CA GLU H 280 -13.52 -20.13 -48.92
C GLU H 280 -12.02 -19.96 -48.74
N LEU H 281 -11.64 -19.63 -47.52
CA LEU H 281 -10.24 -19.49 -47.20
C LEU H 281 -9.92 -20.68 -46.27
N LEU H 282 -8.87 -21.43 -46.62
CA LEU H 282 -8.46 -22.60 -45.87
C LEU H 282 -7.07 -22.33 -45.35
N ILE H 283 -6.90 -22.40 -44.04
CA ILE H 283 -5.58 -22.19 -43.47
C ILE H 283 -5.06 -23.50 -42.92
N PRO H 284 -3.77 -23.83 -43.17
CA PRO H 284 -3.20 -25.08 -42.66
C PRO H 284 -3.08 -25.01 -41.12
N ILE H 285 -3.69 -25.97 -40.47
CA ILE H 285 -3.74 -25.97 -39.02
C ILE H 285 -3.28 -27.24 -38.34
N ARG H 286 -2.96 -27.11 -37.06
CA ARG H 286 -2.61 -28.27 -36.26
C ARG H 286 -3.24 -28.04 -34.91
N ARG H 287 -4.34 -28.73 -34.67
CA ARG H 287 -5.06 -28.60 -33.42
C ARG H 287 -4.31 -29.18 -32.23
N LYS H 288 -4.50 -28.53 -31.09
CA LYS H 288 -3.85 -28.97 -29.88
C LYS H 288 -4.58 -30.16 -29.29
N LEU H 289 -3.85 -31.00 -28.58
CA LEU H 289 -4.45 -32.14 -27.92
C LEU H 289 -4.76 -31.57 -26.55
N ALA H 290 -5.98 -31.75 -26.06
CA ALA H 290 -6.29 -31.24 -24.73
C ALA H 290 -5.54 -32.10 -23.72
N ALA H 291 -5.74 -31.84 -22.45
CA ALA H 291 -5.09 -32.64 -21.42
C ALA H 291 -6.18 -33.21 -20.51
N ALA H 292 -6.05 -34.48 -20.14
CA ALA H 292 -7.03 -35.10 -19.27
C ALA H 292 -7.12 -34.26 -18.00
#